data_4AD0
#
_entry.id   4AD0
#
_cell.length_a   65.993
_cell.length_b   168.428
_cell.length_c   72.433
_cell.angle_alpha   90.00
_cell.angle_beta   117.08
_cell.angle_gamma   90.00
#
_symmetry.space_group_name_H-M   'P 1 21 1'
#
loop_
_entity.id
_entity.type
_entity.pdbx_description
1 polymer ENDO-ALPHA-MANNOSIDASE
2 non-polymer 2-[3-(2-HYDROXY-1,1-DIHYDROXYMETHYL-ETHYLAMINO)-PROPYLAMINO]-2-HYDROXYMETHYL-PROPANE-1,3-DIOL
3 non-polymer GLYCEROL
4 water water
#
_entity_poly.entity_id   1
_entity_poly.type   'polypeptide(L)'
_entity_poly.pdbx_seq_one_letter_code
;MRKELVFVLLALFLCAGCNGNKKKMNGEHDLDAANITLDDHTISFYYNWYGNPSVDGEMKHWMHPIALAPGHSGDVGAIS
GLNDDIACNFYPELGTYSSNDPEIIRKHIRMHIKANVGVLSVTWWGESDYGNQSVSLLLDEAAKVGAKVCFHIEPFNGRS
PQTVRENIQYIVDTYGDHPAFYRTHGKPLFFIYDSYLIKPAEWAKLFAAGGEISVRNTKYDGLFIGLTLKESELPDIETA
CMDGFYTYFAATGFTNASTPANWKSMQQWAKAHNKLFIPSVGPGYIDTRIRPWNGSTTRDRENGKYYDDMYKAAIESGAS
YISITSFNEWHEGTQIEPAVSKKCDAFEYLDYKPLADDYYLIRTAYWVDEFRKARSASEDVQ
;
_entity_poly.pdbx_strand_id   A,B,C,D
#
# COMPACT_ATOMS: atom_id res chain seq x y z
N THR A 37 3.08 5.27 42.85
CA THR A 37 1.87 5.82 42.16
C THR A 37 2.17 7.13 41.47
N LEU A 38 3.17 7.10 40.60
CA LEU A 38 3.49 8.24 39.74
C LEU A 38 2.94 7.90 38.36
N ASP A 39 1.96 8.66 37.89
CA ASP A 39 1.40 8.43 36.55
C ASP A 39 2.38 8.82 35.44
N ASP A 40 2.61 7.89 34.51
CA ASP A 40 3.53 8.07 33.38
C ASP A 40 2.89 8.73 32.13
N HIS A 41 1.62 9.12 32.21
CA HIS A 41 0.93 9.86 31.15
C HIS A 41 0.53 11.29 31.60
N THR A 42 1.06 11.73 32.74
CA THR A 42 0.85 13.08 33.25
C THR A 42 2.18 13.83 33.28
N ILE A 43 2.26 14.92 32.53
CA ILE A 43 3.52 15.66 32.42
C ILE A 43 3.44 17.12 32.90
N SER A 44 4.29 17.50 33.86
CA SER A 44 4.43 18.92 34.23
C SER A 44 5.49 19.65 33.40
N PHE A 45 5.23 20.93 33.14
CA PHE A 45 6.23 21.81 32.55
C PHE A 45 7.04 22.38 33.69
N TYR A 46 8.35 22.14 33.64
CA TYR A 46 9.31 22.43 34.71
C TYR A 46 10.36 23.44 34.21
N TYR A 47 10.64 24.43 35.05
CA TYR A 47 11.63 25.45 34.73
C TYR A 47 12.82 25.35 35.68
N ASN A 48 14.02 25.44 35.11
CA ASN A 48 15.24 25.19 35.85
C ASN A 48 16.17 26.36 35.67
N TRP A 49 15.60 27.54 35.43
CA TRP A 49 16.39 28.73 35.11
C TRP A 49 16.58 29.66 36.31
N TYR A 50 16.23 29.15 37.49
CA TYR A 50 16.36 29.89 38.74
C TYR A 50 17.75 29.83 39.34
N GLY A 51 18.20 30.95 39.89
CA GLY A 51 19.46 30.94 40.64
C GLY A 51 19.52 31.99 41.74
N ASN A 52 20.53 31.92 42.60
CA ASN A 52 20.65 32.92 43.67
C ASN A 52 22.09 33.16 44.07
N PRO A 53 22.36 34.27 44.78
CA PRO A 53 23.71 34.56 45.27
C PRO A 53 24.36 33.36 45.97
N SER A 54 23.57 32.66 46.79
CA SER A 54 24.05 31.55 47.60
C SER A 54 24.70 30.47 46.72
N VAL A 55 23.90 29.86 45.86
CA VAL A 55 24.40 28.75 45.04
C VAL A 55 25.10 29.20 43.77
N ASP A 56 24.52 30.15 43.05
CA ASP A 56 24.99 30.44 41.71
C ASP A 56 25.94 31.64 41.62
N GLY A 57 25.89 32.56 42.59
CA GLY A 57 26.70 33.77 42.59
C GLY A 57 25.93 35.02 42.15
N GLU A 58 24.63 34.85 41.92
CA GLU A 58 23.73 35.96 41.54
C GLU A 58 22.30 35.48 41.35
N MET A 59 21.34 36.36 41.61
CA MET A 59 19.93 36.10 41.31
C MET A 59 19.71 35.84 39.83
N LYS A 60 18.85 34.88 39.51
CA LYS A 60 18.49 34.56 38.13
C LYS A 60 16.99 34.31 38.04
N HIS A 61 16.37 34.89 37.02
CA HIS A 61 14.89 34.87 36.86
C HIS A 61 14.09 35.48 38.02
N TRP A 62 14.46 35.20 39.27
CA TRP A 62 13.74 35.74 40.43
C TRP A 62 13.70 37.26 40.42
N MET A 63 14.71 37.87 39.78
CA MET A 63 14.87 39.30 39.68
C MET A 63 15.58 39.64 38.37
N ASP A 85 11.60 41.11 47.33
CA ASP A 85 10.90 41.78 46.22
C ASP A 85 11.28 41.21 44.83
N ILE A 86 10.60 40.12 44.46
CA ILE A 86 10.93 39.32 43.27
C ILE A 86 9.98 39.46 42.06
N ALA A 87 10.35 38.86 40.94
CA ALA A 87 9.60 38.97 39.68
C ALA A 87 8.43 37.96 39.54
N CYS A 88 7.59 37.88 40.56
CA CYS A 88 6.31 37.13 40.49
C CYS A 88 5.25 37.63 41.47
N ASN A 89 4.03 37.11 41.34
CA ASN A 89 2.92 37.53 42.18
C ASN A 89 2.69 36.64 43.40
N PHE A 90 3.41 35.52 43.44
CA PHE A 90 3.36 34.59 44.54
C PHE A 90 4.82 34.48 45.03
N TYR A 91 5.00 34.09 46.28
CA TYR A 91 6.33 33.86 46.83
C TYR A 91 6.43 32.37 47.15
N PRO A 92 7.52 31.73 46.74
CA PRO A 92 7.65 30.28 46.94
C PRO A 92 7.94 29.87 48.39
N GLU A 93 7.51 28.67 48.77
CA GLU A 93 7.83 28.09 50.09
C GLU A 93 9.34 27.91 50.21
N LEU A 94 9.95 27.42 49.13
CA LEU A 94 11.40 27.26 49.06
C LEU A 94 12.21 28.56 48.88
N GLY A 95 11.55 29.71 48.90
CA GLY A 95 12.25 31.00 48.79
C GLY A 95 12.81 31.22 47.39
N THR A 96 13.63 32.27 47.23
CA THR A 96 14.35 32.51 45.95
C THR A 96 15.43 31.45 45.79
N TYR A 97 15.02 30.27 45.33
CA TYR A 97 15.90 29.10 45.24
C TYR A 97 16.74 28.95 43.95
N SER A 98 17.77 28.12 44.02
CA SER A 98 18.59 27.74 42.87
C SER A 98 18.11 26.39 42.31
N SER A 99 18.00 26.31 40.98
CA SER A 99 17.76 25.07 40.23
C SER A 99 18.94 24.13 40.24
N ASN A 100 20.13 24.68 40.56
CA ASN A 100 21.34 23.89 40.69
C ASN A 100 21.63 23.44 42.15
N ASP A 101 20.62 23.44 43.01
CA ASP A 101 20.77 23.04 44.42
C ASP A 101 20.13 21.66 44.64
N PRO A 102 20.95 20.63 44.92
CA PRO A 102 20.38 19.27 45.03
C PRO A 102 19.27 19.20 46.05
N GLU A 103 19.35 20.04 47.09
CA GLU A 103 18.35 20.02 48.15
C GLU A 103 17.04 20.68 47.67
N ILE A 104 17.13 21.57 46.67
CA ILE A 104 15.89 22.06 46.03
C ILE A 104 15.32 20.96 45.12
N ILE A 105 16.21 20.33 44.35
CA ILE A 105 15.80 19.31 43.38
C ILE A 105 15.30 18.01 44.05
N ARG A 106 15.91 17.64 45.17
CA ARG A 106 15.37 16.53 45.95
C ARG A 106 13.93 16.85 46.33
N LYS A 107 13.70 18.10 46.76
CA LYS A 107 12.39 18.52 47.22
C LYS A 107 11.39 18.61 46.09
N HIS A 108 11.80 19.16 44.94
CA HIS A 108 10.93 19.30 43.77
C HIS A 108 10.45 17.92 43.31
N ILE A 109 11.35 16.95 43.29
CA ILE A 109 10.98 15.54 43.02
C ILE A 109 10.00 14.99 44.05
N ARG A 110 10.24 15.24 45.33
CA ARG A 110 9.31 14.79 46.37
C ARG A 110 7.94 15.43 46.20
N MET A 111 7.94 16.69 45.76
CA MET A 111 6.71 17.41 45.48
C MET A 111 5.95 16.78 44.30
N HIS A 112 6.70 16.23 43.34
CA HIS A 112 6.07 15.48 42.25
C HIS A 112 5.50 14.15 42.78
N ILE A 113 6.18 13.54 43.75
CA ILE A 113 5.66 12.37 44.48
CA ILE A 113 5.62 12.36 44.43
C ILE A 113 4.29 12.70 45.05
N LYS A 114 4.23 13.81 45.81
CA LYS A 114 2.99 14.25 46.47
C LYS A 114 1.86 14.57 45.50
N ALA A 115 2.24 15.02 44.31
CA ALA A 115 1.27 15.36 43.28
C ALA A 115 0.85 14.15 42.44
N ASN A 116 1.58 13.04 42.55
CA ASN A 116 1.31 11.83 41.76
C ASN A 116 1.69 11.98 40.26
N VAL A 117 2.63 12.89 39.97
CA VAL A 117 3.01 13.21 38.58
C VAL A 117 4.33 12.50 38.26
N GLY A 118 4.35 11.75 37.17
CA GLY A 118 5.50 10.89 36.86
C GLY A 118 6.48 11.46 35.85
N VAL A 119 6.09 12.53 35.18
CA VAL A 119 6.93 13.08 34.14
C VAL A 119 7.13 14.57 34.31
N LEU A 120 8.38 14.99 34.19
CA LEU A 120 8.71 16.42 34.17
C LEU A 120 9.19 16.73 32.73
N SER A 121 8.78 17.90 32.21
CA SER A 121 9.22 18.41 30.90
C SER A 121 10.03 19.67 31.17
N VAL A 122 11.35 19.61 31.01
CA VAL A 122 12.21 20.71 31.43
C VAL A 122 12.54 21.68 30.28
N THR A 123 12.25 22.95 30.49
CA THR A 123 12.56 24.00 29.54
C THR A 123 14.02 23.85 29.05
N TRP A 124 14.22 23.96 27.74
CA TRP A 124 15.52 23.64 27.15
C TRP A 124 15.83 24.67 26.09
N TRP A 125 17.00 25.29 26.17
CA TRP A 125 17.31 26.44 25.30
C TRP A 125 18.44 26.22 24.27
N GLY A 126 18.69 24.96 23.95
CA GLY A 126 19.60 24.63 22.86
C GLY A 126 21.01 24.52 23.37
N GLU A 127 21.94 25.05 22.58
CA GLU A 127 23.38 24.87 22.78
C GLU A 127 23.86 25.31 24.15
N SER A 128 23.39 26.47 24.58
CA SER A 128 23.78 27.12 25.83
C SER A 128 23.42 26.30 27.06
N ASP A 129 22.55 25.30 26.85
CA ASP A 129 22.07 24.42 27.90
C ASP A 129 22.77 23.04 27.92
N TYR A 130 23.63 22.75 26.94
CA TYR A 130 24.37 21.46 26.92
C TYR A 130 25.18 21.30 28.18
N GLY A 131 25.11 20.11 28.79
CA GLY A 131 25.90 19.81 29.99
C GLY A 131 25.54 20.70 31.17
N ASN A 132 24.32 21.20 31.13
CA ASN A 132 23.66 21.97 32.17
C ASN A 132 23.70 21.17 33.47
N GLN A 133 24.16 21.77 34.56
CA GLN A 133 24.15 21.11 35.90
C GLN A 133 22.76 20.65 36.39
N SER A 134 21.77 21.55 36.35
CA SER A 134 20.44 21.21 36.90
C SER A 134 19.79 19.96 36.29
N VAL A 135 20.02 19.73 34.99
CA VAL A 135 19.45 18.53 34.31
C VAL A 135 20.00 17.21 34.86
N SER A 136 21.31 17.15 35.07
CA SER A 136 21.97 15.97 35.67
C SER A 136 21.32 15.67 36.99
N LEU A 137 21.42 16.63 37.92
CA LEU A 137 20.83 16.51 39.25
C LEU A 137 19.39 16.06 39.13
N LEU A 138 18.64 16.72 38.24
CA LEU A 138 17.23 16.39 38.01
C LEU A 138 17.01 14.90 37.70
N LEU A 139 17.54 14.44 36.56
CA LEU A 139 17.52 13.02 36.19
C LEU A 139 17.89 12.08 37.33
N ASP A 140 18.99 12.37 38.03
CA ASP A 140 19.49 11.48 39.10
C ASP A 140 18.48 11.38 40.24
N GLU A 141 17.89 12.51 40.65
CA GLU A 141 16.90 12.53 41.72
C GLU A 141 15.68 11.76 41.32
N ALA A 142 15.23 12.03 40.09
CA ALA A 142 14.06 11.40 39.50
C ALA A 142 14.25 9.88 39.51
N ALA A 143 15.42 9.42 39.07
CA ALA A 143 15.72 8.00 39.03
C ALA A 143 15.60 7.32 40.40
N LYS A 144 15.75 8.06 41.49
CA LYS A 144 15.70 7.44 42.83
C LYS A 144 14.28 7.01 43.16
N VAL A 145 13.28 7.71 42.62
CA VAL A 145 11.89 7.46 43.04
C VAL A 145 11.00 6.88 41.94
N GLY A 146 11.50 6.84 40.70
CA GLY A 146 10.70 6.40 39.55
C GLY A 146 10.10 7.51 38.68
N ALA A 147 10.45 8.77 38.96
CA ALA A 147 9.95 9.89 38.14
C ALA A 147 10.77 9.96 36.88
N LYS A 148 10.20 10.59 35.85
CA LYS A 148 10.84 10.67 34.52
C LYS A 148 11.03 12.10 34.01
N VAL A 149 12.06 12.31 33.17
CA VAL A 149 12.34 13.62 32.51
C VAL A 149 12.21 13.58 30.98
N CYS A 150 11.32 14.38 30.40
CA CYS A 150 11.43 14.72 28.97
C CYS A 150 11.77 16.19 28.81
N PHE A 151 11.88 16.65 27.56
CA PHE A 151 12.43 17.96 27.30
C PHE A 151 11.41 18.82 26.58
N HIS A 152 11.43 20.13 26.90
CA HIS A 152 10.52 21.10 26.32
C HIS A 152 11.35 22.06 25.50
N ILE A 153 11.41 21.77 24.19
CA ILE A 153 12.29 22.49 23.25
C ILE A 153 11.63 23.83 22.97
N GLU A 154 12.36 24.88 23.37
CA GLU A 154 11.90 26.24 23.48
C GLU A 154 12.42 27.09 22.31
N PRO A 155 11.86 28.33 22.12
CA PRO A 155 12.24 29.13 20.94
C PRO A 155 13.61 29.76 21.08
N PHE A 156 14.64 28.93 21.15
CA PHE A 156 16.01 29.43 21.32
C PHE A 156 16.57 30.14 20.06
N ASN A 157 17.76 30.72 20.18
CA ASN A 157 18.34 31.53 19.11
C ASN A 157 18.53 30.70 17.86
N GLY A 158 18.14 31.26 16.71
CA GLY A 158 18.23 30.57 15.42
C GLY A 158 17.72 29.14 15.39
N ARG A 159 16.72 28.82 16.19
CA ARG A 159 16.10 27.47 16.13
C ARG A 159 15.59 27.19 14.74
N SER A 160 15.96 26.01 14.24
CA SER A 160 15.63 25.58 12.90
C SER A 160 15.42 24.07 12.96
N PRO A 161 14.69 23.51 11.98
CA PRO A 161 14.62 22.06 11.91
C PRO A 161 16.03 21.38 11.93
N GLN A 162 17.06 22.06 11.42
CA GLN A 162 18.41 21.51 11.50
C GLN A 162 19.01 21.62 12.90
N THR A 163 18.89 22.78 13.53
CA THR A 163 19.41 22.95 14.90
C THR A 163 18.50 22.29 15.94
N VAL A 164 17.23 22.07 15.59
CA VAL A 164 16.38 21.19 16.41
C VAL A 164 16.87 19.76 16.39
N ARG A 165 17.36 19.31 15.23
CA ARG A 165 17.97 17.97 15.13
C ARG A 165 19.20 17.77 15.99
N GLU A 166 20.10 18.76 15.99
CA GLU A 166 21.35 18.74 16.77
C GLU A 166 21.04 18.63 18.23
N ASN A 167 20.10 19.47 18.67
CA ASN A 167 19.53 19.40 20.02
C ASN A 167 18.91 18.09 20.41
N ILE A 168 18.19 17.45 19.50
CA ILE A 168 17.62 16.11 19.77
C ILE A 168 18.76 15.14 19.97
N GLN A 169 19.74 15.16 19.06
CA GLN A 169 20.91 14.27 19.15
C GLN A 169 21.69 14.42 20.43
N TYR A 170 21.92 15.66 20.87
CA TYR A 170 22.58 15.91 22.18
C TYR A 170 21.82 15.28 23.36
N ILE A 171 20.51 15.42 23.34
CA ILE A 171 19.67 14.99 24.42
C ILE A 171 19.63 13.46 24.47
N VAL A 172 19.53 12.82 23.31
CA VAL A 172 19.48 11.35 23.31
C VAL A 172 20.83 10.73 23.68
N ASP A 173 21.93 11.32 23.19
CA ASP A 173 23.25 10.78 23.41
C ASP A 173 23.72 11.00 24.83
N THR A 174 23.38 12.15 25.38
CA THR A 174 23.84 12.51 26.69
C THR A 174 22.92 11.98 27.80
N TYR A 175 21.60 11.98 27.56
CA TYR A 175 20.62 11.60 28.58
C TYR A 175 19.85 10.35 28.24
N GLY A 176 19.89 9.97 26.95
CA GLY A 176 19.11 8.84 26.43
C GLY A 176 19.17 7.54 27.20
N ASP A 177 20.35 7.26 27.76
CA ASP A 177 20.66 6.04 28.49
C ASP A 177 20.31 6.11 29.98
N HIS A 178 20.10 7.33 30.49
CA HIS A 178 19.78 7.53 31.90
C HIS A 178 18.49 6.82 32.31
N PRO A 179 18.48 6.19 33.51
CA PRO A 179 17.29 5.50 34.03
C PRO A 179 16.04 6.37 34.14
N ALA A 180 16.18 7.68 34.23
CA ALA A 180 15.01 8.52 34.41
C ALA A 180 14.57 9.23 33.13
N PHE A 181 15.35 9.08 32.06
CA PHE A 181 15.00 9.64 30.76
C PHE A 181 13.70 8.99 30.30
N TYR A 182 12.73 9.82 29.92
CA TYR A 182 11.36 9.38 29.61
C TYR A 182 11.19 8.72 28.24
N ARG A 183 10.63 7.51 28.23
CA ARG A 183 10.06 6.95 27.01
C ARG A 183 8.62 6.53 27.28
N THR A 184 7.78 6.63 26.26
CA THR A 184 6.39 6.21 26.34
C THR A 184 6.09 5.44 25.06
N HIS A 185 5.62 4.21 25.22
CA HIS A 185 5.54 3.28 24.09
C HIS A 185 6.90 3.30 23.35
N GLY A 186 8.00 3.21 24.11
CA GLY A 186 9.34 3.06 23.54
C GLY A 186 10.02 4.27 22.89
N LYS A 187 9.38 5.44 22.96
CA LYS A 187 9.93 6.65 22.33
C LYS A 187 10.03 7.87 23.24
N PRO A 188 11.18 8.57 23.18
CA PRO A 188 11.32 9.85 23.88
C PRO A 188 10.26 10.84 23.41
N LEU A 189 9.97 11.83 24.22
CA LEU A 189 8.89 12.76 23.91
C LEU A 189 9.33 14.20 24.07
N PHE A 190 9.14 15.01 23.03
CA PHE A 190 9.60 16.38 23.02
C PHE A 190 8.39 17.31 22.82
N PHE A 191 8.33 18.37 23.61
CA PHE A 191 7.30 19.39 23.49
C PHE A 191 7.98 20.56 22.80
N ILE A 192 7.37 21.06 21.73
CA ILE A 192 7.99 22.11 20.93
C ILE A 192 7.14 23.38 21.02
N TYR A 193 7.64 24.31 21.85
CA TYR A 193 6.99 25.58 22.09
C TYR A 193 7.16 26.55 20.92
N ASP A 194 6.07 27.24 20.57
CA ASP A 194 6.11 28.17 19.46
C ASP A 194 6.78 27.52 18.27
N SER A 195 6.41 26.25 18.07
CA SER A 195 6.79 25.44 16.94
C SER A 195 6.28 26.06 15.62
N TYR A 196 5.17 26.80 15.70
CA TYR A 196 4.57 27.45 14.51
C TYR A 196 5.46 28.54 13.87
N LEU A 197 6.48 28.97 14.61
CA LEU A 197 7.52 29.88 14.12
C LEU A 197 8.28 29.34 12.92
N ILE A 198 8.22 28.02 12.75
CA ILE A 198 8.84 27.33 11.65
C ILE A 198 7.67 26.76 10.83
N LYS A 199 7.80 26.82 9.51
CA LYS A 199 6.81 26.33 8.56
C LYS A 199 6.61 24.81 8.67
N PRO A 200 5.35 24.33 8.60
CA PRO A 200 5.14 22.88 8.65
C PRO A 200 5.97 22.12 7.60
N ALA A 201 5.90 22.54 6.34
CA ALA A 201 6.63 21.88 5.27
C ALA A 201 8.12 21.71 5.61
N GLU A 202 8.68 22.65 6.38
CA GLU A 202 10.11 22.59 6.74
C GLU A 202 10.37 21.67 7.93
N TRP A 203 9.37 21.52 8.81
CA TRP A 203 9.44 20.50 9.85
C TRP A 203 9.47 19.09 9.22
N ALA A 204 8.78 18.92 8.08
CA ALA A 204 8.60 17.60 7.47
C ALA A 204 9.93 17.03 7.01
N LYS A 205 10.91 17.92 6.88
CA LYS A 205 12.26 17.51 6.57
C LYS A 205 12.92 16.89 7.78
N LEU A 206 12.38 17.16 8.96
CA LEU A 206 12.84 16.48 10.18
C LEU A 206 11.94 15.30 10.57
N PHE A 207 10.62 15.45 10.40
CA PHE A 207 9.69 14.50 10.98
C PHE A 207 8.98 13.55 10.00
N ALA A 208 9.06 13.82 8.70
CA ALA A 208 8.53 12.86 7.73
C ALA A 208 9.50 11.71 7.54
N ALA A 209 8.97 10.54 7.21
CA ALA A 209 9.80 9.37 6.88
C ALA A 209 10.75 9.68 5.71
N GLY A 210 10.22 10.37 4.71
CA GLY A 210 11.01 10.79 3.54
C GLY A 210 11.98 11.96 3.72
N GLY A 211 11.85 12.70 4.82
CA GLY A 211 12.57 13.97 5.03
C GLY A 211 14.07 13.91 4.85
N GLU A 212 14.67 15.04 4.50
CA GLU A 212 16.09 15.06 4.17
C GLU A 212 16.95 14.97 5.41
N ILE A 213 16.50 15.53 6.54
CA ILE A 213 17.20 15.31 7.79
C ILE A 213 16.30 14.55 8.77
N SER A 214 15.50 13.64 8.23
CA SER A 214 14.57 12.83 9.02
C SER A 214 15.22 12.26 10.30
N VAL A 215 14.43 12.08 11.35
CA VAL A 215 14.87 11.31 12.52
C VAL A 215 14.08 10.01 12.61
N ARG A 216 13.09 9.85 11.75
CA ARG A 216 12.30 8.63 11.67
C ARG A 216 13.19 7.46 11.31
N ASN A 217 12.97 6.30 11.95
CA ASN A 217 13.76 5.10 11.69
C ASN A 217 15.22 5.18 12.14
N THR A 218 15.58 6.20 12.92
CA THR A 218 16.95 6.33 13.44
C THR A 218 16.90 6.21 14.98
N LYS A 219 18.03 6.36 15.65
CA LYS A 219 18.02 6.33 17.12
C LYS A 219 17.60 7.67 17.74
N TYR A 220 17.26 8.65 16.90
CA TYR A 220 16.70 9.95 17.35
C TYR A 220 15.20 10.12 17.02
N ASP A 221 14.55 9.03 16.63
CA ASP A 221 13.12 9.03 16.43
C ASP A 221 12.47 9.15 17.79
N GLY A 222 11.26 9.69 17.82
CA GLY A 222 10.55 9.89 19.07
C GLY A 222 9.17 10.41 18.75
N LEU A 223 8.50 10.92 19.79
CA LEU A 223 7.17 11.54 19.68
C LEU A 223 7.35 13.03 19.80
N PHE A 224 6.93 13.74 18.76
CA PHE A 224 7.25 15.16 18.64
C PHE A 224 5.95 15.95 18.59
N ILE A 225 5.79 16.83 19.56
CA ILE A 225 4.51 17.44 19.88
C ILE A 225 4.62 18.93 19.65
N GLY A 226 3.77 19.43 18.75
CA GLY A 226 3.79 20.81 18.36
C GLY A 226 2.80 21.61 19.19
N LEU A 227 3.10 22.90 19.31
CA LEU A 227 2.15 23.82 19.88
C LEU A 227 1.07 24.18 18.84
N THR A 228 -0.19 24.02 19.21
CA THR A 228 -1.29 24.57 18.39
C THR A 228 -1.95 25.77 19.04
N LEU A 229 -2.20 26.80 18.23
CA LEU A 229 -2.89 28.02 18.62
C LEU A 229 -4.41 27.87 18.46
N LYS A 230 -4.87 27.36 17.32
CA LYS A 230 -6.31 27.15 17.11
C LYS A 230 -6.68 25.79 16.48
N GLU A 231 -7.94 25.40 16.63
CA GLU A 231 -8.42 24.12 16.13
C GLU A 231 -8.30 24.04 14.60
N SER A 232 -8.63 25.13 13.94
CA SER A 232 -8.59 25.16 12.48
C SER A 232 -7.19 24.97 11.89
N GLU A 233 -6.16 24.99 12.73
CA GLU A 233 -4.79 24.83 12.26
C GLU A 233 -4.18 23.48 12.59
N LEU A 234 -5.00 22.54 13.03
CA LEU A 234 -4.54 21.17 13.26
C LEU A 234 -3.87 20.54 12.03
N PRO A 235 -4.42 20.74 10.82
CA PRO A 235 -3.71 20.12 9.68
C PRO A 235 -2.24 20.54 9.51
N ASP A 236 -1.85 21.72 10.00
CA ASP A 236 -0.42 22.09 10.10
C ASP A 236 0.35 21.03 10.85
N ILE A 237 -0.26 20.54 11.94
CA ILE A 237 0.34 19.43 12.68
C ILE A 237 0.70 18.25 11.77
N GLU A 238 -0.19 17.92 10.82
CA GLU A 238 -0.06 16.73 9.95
C GLU A 238 0.98 16.95 8.85
N THR A 239 0.94 18.13 8.23
CA THR A 239 1.97 18.55 7.27
C THR A 239 3.36 18.44 7.89
N ALA A 240 3.49 18.92 9.12
CA ALA A 240 4.75 18.93 9.84
C ALA A 240 5.23 17.52 10.15
N CYS A 241 4.30 16.58 10.06
CA CYS A 241 4.50 15.17 10.41
C CYS A 241 4.89 15.07 11.88
N MET A 242 4.33 15.99 12.66
CA MET A 242 4.42 15.91 14.10
C MET A 242 3.51 14.80 14.60
N ASP A 243 3.95 14.10 15.63
CA ASP A 243 3.22 13.00 16.24
C ASP A 243 2.08 13.47 17.14
N GLY A 244 1.90 14.79 17.25
CA GLY A 244 0.81 15.31 18.06
C GLY A 244 0.92 16.79 18.36
N PHE A 245 0.03 17.27 19.22
CA PHE A 245 -0.08 18.69 19.51
C PHE A 245 -0.41 18.98 20.97
N TYR A 246 0.03 20.15 21.46
CA TYR A 246 -0.39 20.59 22.78
C TYR A 246 -0.82 22.05 22.76
N THR A 247 -1.29 22.54 23.90
CA THR A 247 -1.94 23.86 23.95
C THR A 247 -1.23 24.85 24.92
N TYR A 248 -0.47 24.29 25.86
CA TYR A 248 0.37 25.04 26.83
C TYR A 248 -0.31 26.02 27.80
N PHE A 249 -1.05 26.98 27.26
CA PHE A 249 -1.49 28.15 28.03
C PHE A 249 -2.42 27.75 29.15
N ALA A 250 -2.18 28.31 30.33
CA ALA A 250 -2.94 27.95 31.51
C ALA A 250 -4.23 28.74 31.53
N ALA A 251 -4.22 29.87 30.83
CA ALA A 251 -5.36 30.79 30.82
C ALA A 251 -6.46 30.33 29.84
N THR A 252 -7.66 30.07 30.37
CA THR A 252 -8.79 29.63 29.54
C THR A 252 -9.24 30.74 28.60
N GLY A 253 -9.15 30.46 27.31
CA GLY A 253 -9.69 31.32 26.29
C GLY A 253 -8.66 32.34 25.86
N PHE A 254 -7.42 32.13 26.33
CA PHE A 254 -6.31 32.90 25.82
C PHE A 254 -6.08 32.62 24.35
N THR A 255 -6.19 31.35 23.97
CA THR A 255 -6.22 30.93 22.58
C THR A 255 -7.45 30.06 22.37
N ASN A 256 -7.80 29.86 21.10
CA ASN A 256 -8.89 28.95 20.75
C ASN A 256 -8.59 27.50 21.13
N ALA A 257 -7.34 27.06 20.98
CA ALA A 257 -6.91 25.73 21.44
C ALA A 257 -6.88 25.59 22.97
N SER A 258 -6.77 26.72 23.68
CA SER A 258 -6.75 26.68 25.13
C SER A 258 -8.11 27.08 25.71
N THR A 259 -9.15 26.89 24.90
CA THR A 259 -10.52 27.01 25.38
C THR A 259 -11.05 25.57 25.53
N PRO A 260 -11.32 25.15 26.79
CA PRO A 260 -11.67 23.77 27.13
C PRO A 260 -12.87 23.15 26.43
N ALA A 261 -13.82 23.96 25.99
CA ALA A 261 -14.96 23.45 25.19
C ALA A 261 -14.52 22.79 23.88
N ASN A 262 -13.45 23.32 23.28
CA ASN A 262 -12.98 22.80 21.98
C ASN A 262 -12.20 21.50 22.08
N TRP A 263 -11.85 21.13 23.30
CA TRP A 263 -11.03 19.95 23.56
C TRP A 263 -11.59 18.61 23.10
N LYS A 264 -12.88 18.38 23.30
CA LYS A 264 -13.49 17.14 22.81
C LYS A 264 -13.37 16.98 21.30
N SER A 265 -13.71 18.03 20.59
CA SER A 265 -13.56 18.12 19.15
C SER A 265 -12.09 17.86 18.74
N MET A 266 -11.15 18.47 19.46
CA MET A 266 -9.71 18.31 19.17
C MET A 266 -9.22 16.87 19.34
N GLN A 267 -9.60 16.22 20.42
CA GLN A 267 -9.29 14.81 20.64
C GLN A 267 -9.89 13.90 19.56
N GLN A 268 -11.11 14.20 19.13
CA GLN A 268 -11.75 13.49 18.03
C GLN A 268 -10.88 13.60 16.77
N TRP A 269 -10.47 14.83 16.46
CA TRP A 269 -9.61 15.09 15.33
C TRP A 269 -8.30 14.32 15.43
N ALA A 270 -7.72 14.28 16.63
CA ALA A 270 -6.43 13.65 16.82
C ALA A 270 -6.46 12.16 16.50
N LYS A 271 -7.58 11.52 16.84
CA LYS A 271 -7.75 10.09 16.64
C LYS A 271 -8.02 9.76 15.16
N ALA A 272 -8.82 10.59 14.49
CA ALA A 272 -9.10 10.42 13.05
C ALA A 272 -7.84 10.62 12.23
N HIS A 273 -6.92 11.41 12.78
CA HIS A 273 -5.65 11.71 12.15
C HIS A 273 -4.49 10.95 12.79
N ASN A 274 -4.79 10.10 13.79
CA ASN A 274 -3.81 9.21 14.44
C ASN A 274 -2.70 9.99 15.18
N LYS A 275 -3.12 11.02 15.88
CA LYS A 275 -2.22 11.96 16.53
C LYS A 275 -2.55 11.96 18.02
N LEU A 276 -1.60 12.42 18.84
CA LEU A 276 -1.87 12.61 20.27
C LEU A 276 -2.18 14.08 20.58
N PHE A 277 -3.31 14.29 21.24
CA PHE A 277 -3.69 15.56 21.80
C PHE A 277 -3.31 15.52 23.28
N ILE A 278 -2.53 16.51 23.71
CA ILE A 278 -2.16 16.65 25.09
C ILE A 278 -2.58 18.05 25.56
N PRO A 279 -3.80 18.15 26.13
CA PRO A 279 -4.19 19.47 26.55
C PRO A 279 -3.33 19.89 27.73
N SER A 280 -3.17 21.20 27.89
CA SER A 280 -2.47 21.72 29.03
C SER A 280 -3.43 22.30 30.02
N VAL A 281 -3.25 21.88 31.26
CA VAL A 281 -4.08 22.30 32.35
C VAL A 281 -3.29 23.15 33.31
N GLY A 282 -3.92 24.24 33.78
CA GLY A 282 -3.31 25.09 34.80
C GLY A 282 -4.26 25.43 35.94
N PRO A 283 -3.72 25.86 37.10
CA PRO A 283 -4.51 26.22 38.28
C PRO A 283 -5.00 27.67 38.38
N GLY A 284 -4.46 28.55 37.54
CA GLY A 284 -4.79 29.96 37.45
C GLY A 284 -3.74 30.59 36.52
N TYR A 285 -3.72 31.91 36.44
CA TYR A 285 -2.71 32.65 35.69
C TYR A 285 -2.66 34.10 36.15
N ILE A 286 -1.49 34.55 36.60
CA ILE A 286 -1.25 35.99 36.84
C ILE A 286 0.23 36.36 36.65
N ASP A 287 0.50 37.33 35.79
CA ASP A 287 1.86 37.77 35.48
C ASP A 287 1.95 39.29 35.54
N THR A 288 1.13 39.90 36.39
CA THR A 288 1.04 41.36 36.40
C THR A 288 2.21 42.12 37.10
N ARG A 289 3.10 41.39 37.79
CA ARG A 289 4.31 41.96 38.38
CA ARG A 289 4.29 42.02 38.36
C ARG A 289 5.40 42.21 37.34
N ILE A 290 5.42 41.37 36.29
CA ILE A 290 6.40 41.46 35.18
C ILE A 290 5.73 41.99 33.90
N ARG A 291 4.40 42.08 33.93
CA ARG A 291 3.65 42.60 32.80
C ARG A 291 2.46 43.36 33.35
N PRO A 292 2.70 44.54 33.97
CA PRO A 292 1.59 45.38 34.42
C PRO A 292 0.40 45.50 33.45
N TRP A 293 0.68 45.51 32.14
CA TRP A 293 -0.36 45.70 31.11
C TRP A 293 -1.22 44.49 30.82
N ASN A 294 -0.82 43.32 31.33
CA ASN A 294 -1.37 42.05 30.86
C ASN A 294 -2.50 41.51 31.75
N GLY A 295 -3.19 42.44 32.42
CA GLY A 295 -4.33 42.10 33.27
C GLY A 295 -5.44 41.29 32.60
N SER A 296 -5.49 41.33 31.27
CA SER A 296 -6.54 40.63 30.50
C SER A 296 -6.36 39.10 30.45
N THR A 297 -5.12 38.63 30.59
CA THR A 297 -4.78 37.21 30.67
C THR A 297 -4.92 36.61 32.10
N THR A 298 -5.28 37.44 33.09
CA THR A 298 -5.41 37.01 34.49
C THR A 298 -6.56 36.03 34.68
N ARG A 299 -6.27 34.90 35.31
CA ARG A 299 -7.33 33.99 35.76
C ARG A 299 -7.19 33.69 37.26
N ASP A 300 -8.22 34.03 38.02
CA ASP A 300 -8.31 33.72 39.47
C ASP A 300 -8.38 32.25 39.81
N ARG A 301 -7.69 31.84 40.86
CA ARG A 301 -7.67 30.43 41.26
C ARG A 301 -9.00 29.93 41.80
N GLU A 302 -9.83 30.87 42.23
CA GLU A 302 -11.15 30.59 42.83
C GLU A 302 -11.17 29.43 43.83
N ASN A 303 -10.20 29.43 44.74
CA ASN A 303 -10.11 28.39 45.77
C ASN A 303 -10.11 26.98 45.21
N GLY A 304 -9.52 26.80 44.03
CA GLY A 304 -9.30 25.49 43.46
C GLY A 304 -10.20 25.22 42.28
N LYS A 305 -11.37 25.87 42.27
CA LYS A 305 -12.42 25.63 41.28
C LYS A 305 -11.93 25.78 39.85
N TYR A 306 -11.21 26.86 39.56
CA TYR A 306 -10.53 26.98 38.25
C TYR A 306 -9.73 25.71 37.90
N TYR A 307 -8.79 25.28 38.74
CA TYR A 307 -8.03 24.04 38.47
C TYR A 307 -8.92 22.80 38.21
N ASP A 308 -9.99 22.68 38.99
CA ASP A 308 -10.92 21.53 38.89
C ASP A 308 -11.73 21.51 37.60
N ASP A 309 -12.28 22.65 37.20
CA ASP A 309 -13.04 22.71 35.94
C ASP A 309 -12.11 22.38 34.76
N MET A 310 -10.90 22.95 34.77
CA MET A 310 -9.98 22.75 33.63
C MET A 310 -9.38 21.34 33.54
N TYR A 311 -9.14 20.70 34.68
CA TYR A 311 -8.56 19.34 34.66
C TYR A 311 -9.63 18.30 34.26
N LYS A 312 -10.83 18.44 34.81
CA LYS A 312 -12.01 17.62 34.44
C LYS A 312 -12.27 17.73 32.93
N ALA A 313 -12.27 18.95 32.42
CA ALA A 313 -12.35 19.14 30.97
C ALA A 313 -11.25 18.35 30.24
N ALA A 314 -10.03 18.38 30.75
CA ALA A 314 -8.95 17.60 30.10
C ALA A 314 -9.24 16.11 30.08
N ILE A 315 -9.68 15.54 31.21
CA ILE A 315 -10.01 14.11 31.32
C ILE A 315 -11.25 13.69 30.52
N GLU A 316 -12.32 14.46 30.62
CA GLU A 316 -13.54 14.19 29.85
C GLU A 316 -13.27 14.26 28.35
N SER A 317 -12.28 15.07 27.96
CA SER A 317 -11.91 15.17 26.57
C SER A 317 -11.61 13.81 25.96
N GLY A 318 -11.01 12.91 26.75
CA GLY A 318 -10.59 11.60 26.26
C GLY A 318 -9.10 11.50 25.96
N ALA A 319 -8.39 12.63 26.02
CA ALA A 319 -6.93 12.66 25.82
C ALA A 319 -6.25 11.56 26.64
N SER A 320 -5.20 10.96 26.10
CA SER A 320 -4.52 9.88 26.82
C SER A 320 -3.35 10.43 27.61
N TYR A 321 -2.98 11.67 27.30
CA TYR A 321 -1.94 12.36 28.01
C TYR A 321 -2.50 13.70 28.41
N ILE A 322 -2.13 14.17 29.59
CA ILE A 322 -2.44 15.51 30.08
C ILE A 322 -1.14 16.18 30.51
N SER A 323 -0.98 17.47 30.18
CA SER A 323 0.17 18.27 30.59
C SER A 323 -0.29 19.35 31.54
N ILE A 324 0.58 19.77 32.45
CA ILE A 324 0.25 20.76 33.50
C ILE A 324 1.16 22.00 33.44
N THR A 325 0.54 23.14 33.16
CA THR A 325 1.22 24.43 33.14
C THR A 325 0.84 25.20 34.39
N SER A 326 1.75 25.30 35.36
CA SER A 326 3.06 24.70 35.32
C SER A 326 3.31 24.13 36.68
N PHE A 327 4.43 23.44 36.84
CA PHE A 327 4.91 23.16 38.17
C PHE A 327 5.42 24.45 38.81
N ASN A 328 6.26 25.15 38.05
CA ASN A 328 7.02 26.29 38.59
C ASN A 328 7.34 27.41 37.58
N GLU A 329 6.35 27.81 36.78
CA GLU A 329 6.51 29.04 36.04
C GLU A 329 5.95 30.12 36.98
N TRP A 330 6.81 30.68 37.82
CA TRP A 330 6.40 31.62 38.86
C TRP A 330 6.06 32.95 38.22
N HIS A 331 6.90 33.39 37.28
CA HIS A 331 6.66 34.63 36.51
C HIS A 331 5.21 34.76 36.02
N GLU A 332 4.66 33.65 35.52
CA GLU A 332 3.32 33.62 34.92
C GLU A 332 2.21 33.24 35.92
N GLY A 333 2.58 32.95 37.15
CA GLY A 333 1.63 32.51 38.19
C GLY A 333 0.83 31.24 37.88
N THR A 334 1.44 30.30 37.17
CA THR A 334 0.74 29.06 36.79
C THR A 334 1.18 27.87 37.65
N GLN A 335 2.13 28.12 38.56
CA GLN A 335 2.75 27.07 39.35
C GLN A 335 1.78 26.34 40.30
N ILE A 336 1.95 25.02 40.39
CA ILE A 336 1.33 24.21 41.44
C ILE A 336 2.28 24.03 42.64
N GLU A 337 3.53 24.45 42.47
CA GLU A 337 4.51 24.48 43.56
C GLU A 337 4.00 25.29 44.76
N PRO A 338 4.17 24.74 45.98
CA PRO A 338 3.71 25.41 47.20
C PRO A 338 4.22 26.86 47.35
N ALA A 339 3.27 27.74 47.67
CA ALA A 339 3.51 29.16 47.84
C ALA A 339 3.09 29.56 49.25
N VAL A 340 3.79 30.52 49.84
CA VAL A 340 3.42 30.96 51.19
C VAL A 340 2.83 32.37 51.14
N SER A 341 2.19 32.79 52.22
CA SER A 341 1.81 34.19 52.35
C SER A 341 3.04 35.03 52.70
N LYS A 342 3.22 36.14 52.00
CA LYS A 342 4.37 37.03 52.19
C LYS A 342 3.89 38.48 51.96
N LYS A 343 4.21 39.38 52.88
CA LYS A 343 3.79 40.79 52.75
C LYS A 343 4.87 41.67 52.09
N CYS A 344 5.87 42.11 52.86
CA CYS A 344 6.97 43.00 52.40
C CYS A 344 6.55 44.43 52.00
N ASP A 345 7.52 45.36 52.07
CA ASP A 345 7.28 46.80 51.96
C ASP A 345 6.39 47.24 50.78
N ALA A 346 6.85 47.02 49.55
CA ALA A 346 6.21 47.60 48.36
C ALA A 346 5.20 46.70 47.60
N PHE A 347 4.80 45.58 48.21
CA PHE A 347 3.90 44.62 47.55
C PHE A 347 3.50 43.45 48.46
N GLU A 348 2.19 43.21 48.58
CA GLU A 348 1.65 42.00 49.25
C GLU A 348 1.37 40.94 48.17
N TYR A 349 2.01 39.78 48.29
CA TYR A 349 1.87 38.68 47.33
C TYR A 349 0.50 38.03 47.42
N LEU A 350 0.04 37.43 46.33
CA LEU A 350 -1.12 36.52 46.33
C LEU A 350 -0.64 35.25 46.99
N ASP A 351 -1.56 34.51 47.58
CA ASP A 351 -1.19 33.22 48.13
C ASP A 351 -2.36 32.25 47.90
N TYR A 352 -2.27 31.04 48.46
CA TYR A 352 -3.31 30.02 48.29
C TYR A 352 -4.38 30.06 49.39
N LYS A 353 -4.12 30.78 50.48
CA LYS A 353 -5.09 30.95 51.58
C LYS A 353 -6.49 31.24 51.03
N PRO A 354 -7.52 30.56 51.57
CA PRO A 354 -7.55 29.73 52.77
C PRO A 354 -7.04 28.29 52.54
N LEU A 355 -6.52 28.01 51.34
CA LEU A 355 -6.06 26.64 51.08
C LEU A 355 -4.65 26.48 51.63
N ALA A 356 -4.30 25.22 51.93
CA ALA A 356 -2.95 24.82 52.35
C ALA A 356 -1.89 25.20 51.31
N ASP A 357 -0.63 25.26 51.74
CA ASP A 357 0.49 25.64 50.87
C ASP A 357 0.69 24.66 49.75
N ASP A 358 0.29 23.42 49.98
CA ASP A 358 0.59 22.34 49.05
C ASP A 358 -0.70 21.81 48.45
N TYR A 359 -1.77 22.60 48.55
CA TYR A 359 -3.12 22.21 48.07
C TYR A 359 -3.09 21.77 46.62
N TYR A 360 -2.40 22.55 45.80
CA TYR A 360 -2.30 22.31 44.35
C TYR A 360 -1.56 21.06 43.97
N LEU A 361 -0.62 20.66 44.82
CA LEU A 361 0.01 19.35 44.66
C LEU A 361 -0.96 18.26 45.08
N ILE A 362 -1.59 18.41 46.24
CA ILE A 362 -2.54 17.39 46.75
C ILE A 362 -3.76 17.23 45.85
N ARG A 363 -4.22 18.31 45.21
CA ARG A 363 -5.41 18.26 44.36
C ARG A 363 -5.07 17.74 42.97
N THR A 364 -3.80 17.89 42.57
CA THR A 364 -3.28 17.24 41.40
C THR A 364 -3.29 15.71 41.54
N ALA A 365 -3.00 15.21 42.74
CA ALA A 365 -3.10 13.78 42.98
C ALA A 365 -4.54 13.31 42.89
N TYR A 366 -5.49 14.14 43.35
CA TYR A 366 -6.92 13.79 43.20
C TYR A 366 -7.25 13.55 41.72
N TRP A 367 -6.87 14.51 40.88
CA TRP A 367 -7.07 14.48 39.44
C TRP A 367 -6.24 13.43 38.63
N VAL A 368 -4.98 13.24 38.99
CA VAL A 368 -4.21 12.17 38.39
C VAL A 368 -4.94 10.83 38.51
N ASP A 369 -5.50 10.58 39.70
CA ASP A 369 -6.25 9.38 40.03
C ASP A 369 -7.49 9.26 39.15
N GLU A 370 -8.27 10.34 39.07
CA GLU A 370 -9.46 10.40 38.22
C GLU A 370 -9.08 10.16 36.80
N PHE A 371 -7.96 10.76 36.39
CA PHE A 371 -7.38 10.53 35.06
C PHE A 371 -6.92 9.07 34.85
N ARG A 372 -6.29 8.48 35.87
CA ARG A 372 -5.81 7.11 35.73
C ARG A 372 -6.97 6.11 35.71
N LYS A 373 -7.96 6.36 36.55
CA LYS A 373 -9.15 5.52 36.61
C LYS A 373 -9.87 5.50 35.25
N ALA A 374 -10.09 6.69 34.70
CA ALA A 374 -10.85 6.79 33.46
C ALA A 374 -10.06 6.25 32.27
N ARG A 375 -8.74 6.39 32.31
CA ARG A 375 -7.89 5.70 31.35
C ARG A 375 -7.98 4.17 31.44
N SER A 376 -8.03 3.65 32.66
CA SER A 376 -8.09 2.19 32.89
C SER A 376 -9.41 1.52 32.44
N ALA A 377 -10.44 2.32 32.20
CA ALA A 377 -11.70 1.80 31.65
C ALA A 377 -11.77 2.01 30.15
N THR B 37 -17.50 -15.45 -0.80
CA THR B 37 -16.13 -15.15 -0.26
C THR B 37 -15.31 -14.26 -1.19
N LEU B 38 -15.25 -12.95 -0.88
CA LEU B 38 -14.42 -12.00 -1.66
C LEU B 38 -13.45 -11.24 -0.76
N ASP B 39 -12.17 -11.26 -1.14
CA ASP B 39 -11.18 -10.42 -0.49
C ASP B 39 -11.15 -9.05 -1.15
N ASP B 40 -11.49 -8.00 -0.41
CA ASP B 40 -11.34 -6.62 -0.89
C ASP B 40 -9.88 -6.14 -0.83
N HIS B 41 -8.96 -7.04 -0.51
CA HIS B 41 -7.54 -6.67 -0.41
C HIS B 41 -6.69 -7.33 -1.49
N THR B 42 -7.34 -8.18 -2.28
CA THR B 42 -6.76 -8.89 -3.42
C THR B 42 -7.32 -8.27 -4.70
N ILE B 43 -6.41 -7.82 -5.56
CA ILE B 43 -6.69 -6.96 -6.72
C ILE B 43 -6.16 -7.58 -8.01
N SER B 44 -7.09 -7.90 -8.93
CA SER B 44 -6.73 -8.48 -10.22
C SER B 44 -6.47 -7.41 -11.28
N PHE B 45 -5.57 -7.70 -12.21
CA PHE B 45 -5.35 -6.86 -13.37
C PHE B 45 -6.24 -7.38 -14.50
N TYR B 46 -7.17 -6.51 -14.93
CA TYR B 46 -8.17 -6.88 -15.90
C TYR B 46 -8.03 -6.09 -17.20
N TYR B 47 -8.08 -6.80 -18.33
CA TYR B 47 -8.00 -6.19 -19.66
C TYR B 47 -9.32 -6.25 -20.42
N ASN B 48 -9.75 -5.10 -20.93
CA ASN B 48 -11.02 -4.95 -21.64
C ASN B 48 -10.80 -4.56 -23.10
N TRP B 49 -9.62 -4.89 -23.61
CA TRP B 49 -9.24 -4.42 -24.91
C TRP B 49 -9.61 -5.43 -26.03
N TYR B 50 -10.42 -6.43 -25.69
CA TYR B 50 -10.79 -7.51 -26.64
C TYR B 50 -12.08 -7.28 -27.38
N GLY B 51 -12.13 -7.73 -28.63
CA GLY B 51 -13.32 -7.55 -29.47
C GLY B 51 -13.46 -8.63 -30.52
N ASN B 52 -14.66 -8.75 -31.07
CA ASN B 52 -14.92 -9.65 -32.20
C ASN B 52 -15.96 -9.08 -33.18
N PRO B 53 -16.01 -9.63 -34.41
CA PRO B 53 -16.92 -9.20 -35.47
C PRO B 53 -18.38 -9.20 -35.08
N SER B 54 -18.87 -10.26 -34.45
CA SER B 54 -20.30 -10.32 -34.09
C SER B 54 -20.73 -9.23 -33.10
N VAL B 55 -19.87 -8.88 -32.15
CA VAL B 55 -20.21 -7.85 -31.16
C VAL B 55 -19.72 -6.45 -31.56
N ASP B 56 -18.50 -6.36 -32.07
CA ASP B 56 -17.80 -5.11 -32.26
C ASP B 56 -17.73 -4.69 -33.72
N GLY B 57 -17.94 -5.64 -34.63
CA GLY B 57 -17.74 -5.39 -36.07
C GLY B 57 -16.48 -6.05 -36.61
N GLU B 58 -15.47 -6.20 -35.76
CA GLU B 58 -14.17 -6.75 -36.17
C GLU B 58 -13.38 -7.32 -35.00
N MET B 59 -12.52 -8.29 -35.28
CA MET B 59 -11.55 -8.80 -34.31
C MET B 59 -10.76 -7.64 -33.70
N LYS B 60 -10.70 -7.59 -32.38
CA LYS B 60 -9.75 -6.69 -31.72
C LYS B 60 -8.78 -7.46 -30.82
N HIS B 61 -7.51 -7.04 -30.83
CA HIS B 61 -6.44 -7.57 -29.98
C HIS B 61 -6.14 -9.07 -30.12
N TRP B 62 -7.18 -9.91 -30.25
CA TRP B 62 -6.98 -11.36 -30.41
C TRP B 62 -6.07 -11.60 -31.59
N MET B 63 -6.25 -10.77 -32.61
CA MET B 63 -5.43 -10.83 -33.79
C MET B 63 -4.66 -9.54 -34.00
N HIS B 64 -3.61 -9.64 -34.80
CA HIS B 64 -2.53 -8.68 -34.85
C HIS B 64 -2.86 -7.35 -35.55
N PRO B 65 -3.34 -7.43 -36.81
CA PRO B 65 -3.66 -6.46 -37.88
C PRO B 65 -2.61 -6.45 -38.97
N ASP B 85 -4.37 -19.46 -34.73
CA ASP B 85 -3.73 -18.20 -35.13
C ASP B 85 -4.34 -16.98 -34.42
N ILE B 86 -4.29 -17.00 -33.08
CA ILE B 86 -4.58 -15.82 -32.25
C ILE B 86 -3.25 -15.39 -31.63
N ALA B 87 -3.13 -14.12 -31.23
CA ALA B 87 -1.85 -13.63 -30.66
C ALA B 87 -1.64 -14.01 -29.19
N CYS B 88 -1.76 -15.31 -28.89
CA CYS B 88 -1.57 -15.84 -27.53
C CYS B 88 -0.96 -17.22 -27.57
N ASN B 89 -0.24 -17.59 -26.52
CA ASN B 89 0.25 -18.96 -26.42
C ASN B 89 -0.81 -19.95 -25.90
N PHE B 90 -1.85 -19.45 -25.24
CA PHE B 90 -2.97 -20.30 -24.79
C PHE B 90 -4.21 -19.83 -25.52
N TYR B 91 -5.16 -20.75 -25.70
CA TYR B 91 -6.50 -20.40 -26.17
C TYR B 91 -7.38 -20.22 -24.93
N PRO B 92 -8.35 -19.30 -24.99
CA PRO B 92 -9.34 -19.18 -23.91
C PRO B 92 -10.46 -20.21 -23.98
N GLU B 93 -11.04 -20.53 -22.82
CA GLU B 93 -12.21 -21.38 -22.80
C GLU B 93 -13.35 -20.60 -23.41
N LEU B 94 -13.39 -19.30 -23.13
CA LEU B 94 -14.42 -18.41 -23.67
C LEU B 94 -14.19 -17.99 -25.14
N GLY B 95 -13.08 -18.43 -25.73
CA GLY B 95 -12.82 -18.19 -27.15
C GLY B 95 -12.32 -16.78 -27.36
N THR B 96 -12.53 -16.27 -28.56
CA THR B 96 -12.17 -14.90 -28.88
C THR B 96 -13.38 -14.04 -28.58
N TYR B 97 -13.68 -14.02 -27.28
CA TYR B 97 -14.73 -13.21 -26.69
C TYR B 97 -14.53 -11.71 -26.83
N SER B 98 -15.63 -10.97 -26.73
CA SER B 98 -15.58 -9.51 -26.75
C SER B 98 -15.73 -8.91 -25.35
N SER B 99 -14.74 -8.11 -24.94
CA SER B 99 -14.92 -7.28 -23.76
C SER B 99 -16.24 -6.50 -23.70
N ASN B 100 -16.89 -6.32 -24.85
CA ASN B 100 -18.15 -5.56 -24.93
C ASN B 100 -19.43 -6.39 -24.86
N ASP B 101 -19.28 -7.71 -24.70
CA ASP B 101 -20.42 -8.64 -24.55
C ASP B 101 -20.75 -8.82 -23.05
N PRO B 102 -21.99 -8.48 -22.63
CA PRO B 102 -22.39 -8.57 -21.21
C PRO B 102 -22.41 -10.01 -20.65
N GLU B 103 -22.61 -10.99 -21.55
CA GLU B 103 -22.63 -12.40 -21.18
C GLU B 103 -21.22 -12.88 -20.81
N ILE B 104 -20.21 -12.29 -21.45
CA ILE B 104 -18.80 -12.51 -21.15
C ILE B 104 -18.34 -11.80 -19.88
N ILE B 105 -18.82 -10.57 -19.68
CA ILE B 105 -18.53 -9.81 -18.47
C ILE B 105 -19.10 -10.54 -17.26
N ARG B 106 -20.34 -11.02 -17.41
CA ARG B 106 -21.02 -11.90 -16.44
C ARG B 106 -20.13 -13.06 -15.99
N LYS B 107 -19.65 -13.84 -16.94
CA LYS B 107 -18.85 -15.01 -16.61
C LYS B 107 -17.51 -14.61 -16.01
N HIS B 108 -16.89 -13.59 -16.58
CA HIS B 108 -15.64 -13.06 -15.98
C HIS B 108 -15.83 -12.71 -14.50
N ILE B 109 -16.96 -12.10 -14.17
CA ILE B 109 -17.28 -11.80 -12.79
C ILE B 109 -17.44 -13.08 -11.98
N ARG B 110 -18.20 -14.04 -12.49
CA ARG B 110 -18.40 -15.30 -11.79
C ARG B 110 -17.07 -16.07 -11.60
N MET B 111 -16.08 -15.79 -12.45
CA MET B 111 -14.73 -16.36 -12.30
C MET B 111 -13.97 -15.73 -11.13
N HIS B 112 -14.13 -14.41 -11.00
CA HIS B 112 -13.66 -13.65 -9.86
C HIS B 112 -14.23 -14.20 -8.55
N ILE B 113 -15.51 -14.53 -8.56
CA ILE B 113 -16.18 -15.17 -7.41
C ILE B 113 -15.59 -16.52 -7.08
N LYS B 114 -15.35 -17.34 -8.09
CA LYS B 114 -14.72 -18.65 -7.86
C LYS B 114 -13.33 -18.40 -7.30
N ALA B 115 -12.60 -17.44 -7.89
CA ALA B 115 -11.25 -17.05 -7.43
C ALA B 115 -11.19 -16.35 -6.06
N ASN B 116 -12.36 -15.93 -5.54
CA ASN B 116 -12.47 -15.10 -4.32
C ASN B 116 -11.78 -13.71 -4.39
N VAL B 117 -11.50 -13.25 -5.61
CA VAL B 117 -10.94 -11.91 -5.85
C VAL B 117 -12.03 -10.83 -5.91
N GLY B 118 -11.93 -9.88 -4.98
CA GLY B 118 -12.96 -8.85 -4.80
C GLY B 118 -12.77 -7.59 -5.63
N VAL B 119 -11.61 -7.45 -6.26
CA VAL B 119 -11.26 -6.21 -6.91
C VAL B 119 -10.64 -6.47 -8.27
N LEU B 120 -11.16 -5.77 -9.28
CA LEU B 120 -10.65 -5.82 -10.63
C LEU B 120 -9.98 -4.48 -10.96
N SER B 121 -8.71 -4.51 -11.33
CA SER B 121 -8.03 -3.28 -11.83
C SER B 121 -7.97 -3.25 -13.36
N VAL B 122 -8.86 -2.46 -13.97
CA VAL B 122 -9.05 -2.44 -15.41
C VAL B 122 -8.08 -1.44 -16.08
N THR B 123 -7.26 -1.99 -16.98
CA THR B 123 -6.45 -1.26 -17.94
C THR B 123 -7.18 -0.03 -18.51
N TRP B 124 -6.55 1.14 -18.39
CA TRP B 124 -7.17 2.43 -18.74
C TRP B 124 -6.26 3.29 -19.62
N TRP B 125 -6.71 3.59 -20.84
CA TRP B 125 -5.80 4.22 -21.80
C TRP B 125 -6.12 5.68 -22.14
N GLY B 126 -6.43 6.48 -21.12
CA GLY B 126 -6.65 7.90 -21.31
C GLY B 126 -7.96 8.26 -21.98
N GLU B 127 -7.94 9.39 -22.69
CA GLU B 127 -9.07 9.90 -23.48
C GLU B 127 -9.71 8.87 -24.42
N SER B 128 -8.91 7.97 -24.98
CA SER B 128 -9.44 6.92 -25.85
C SER B 128 -10.49 6.09 -25.11
N ASP B 129 -10.30 5.89 -23.80
CA ASP B 129 -11.23 5.08 -23.02
C ASP B 129 -12.42 5.84 -22.44
N TYR B 130 -12.46 7.15 -22.65
CA TYR B 130 -13.62 7.95 -22.24
C TYR B 130 -14.85 7.40 -22.96
N GLY B 131 -15.85 6.97 -22.19
CA GLY B 131 -17.07 6.40 -22.74
C GLY B 131 -16.90 5.02 -23.36
N ASN B 132 -15.97 4.24 -22.83
CA ASN B 132 -15.81 2.85 -23.22
C ASN B 132 -17.06 2.06 -22.84
N GLN B 133 -17.45 1.08 -23.67
CA GLN B 133 -18.61 0.25 -23.37
C GLN B 133 -18.34 -0.67 -22.18
N SER B 134 -17.18 -1.32 -22.17
CA SER B 134 -16.94 -2.40 -21.24
C SER B 134 -16.84 -1.96 -19.78
N VAL B 135 -16.33 -0.76 -19.56
CA VAL B 135 -16.15 -0.26 -18.18
C VAL B 135 -17.46 -0.22 -17.36
N SER B 136 -18.50 0.39 -17.90
CA SER B 136 -19.83 0.35 -17.27
C SER B 136 -20.35 -1.08 -17.12
N LEU B 137 -20.08 -1.92 -18.12
CA LEU B 137 -20.51 -3.32 -18.05
C LEU B 137 -19.85 -4.05 -16.90
N LEU B 138 -18.54 -3.83 -16.75
CA LEU B 138 -17.77 -4.36 -15.64
C LEU B 138 -18.33 -3.86 -14.31
N LEU B 139 -18.53 -2.55 -14.21
CA LEU B 139 -19.14 -1.92 -13.04
C LEU B 139 -20.50 -2.44 -12.59
N ASP B 140 -21.39 -2.65 -13.56
CA ASP B 140 -22.76 -3.11 -13.33
C ASP B 140 -22.80 -4.58 -12.89
N GLU B 141 -22.10 -5.42 -13.63
CA GLU B 141 -22.09 -6.85 -13.37
C GLU B 141 -21.41 -7.14 -12.05
N ALA B 142 -20.44 -6.29 -11.70
CA ALA B 142 -19.76 -6.39 -10.41
C ALA B 142 -20.72 -6.12 -9.26
N ALA B 143 -21.39 -4.97 -9.31
CA ALA B 143 -22.21 -4.50 -8.19
C ALA B 143 -23.25 -5.53 -7.73
N LYS B 144 -23.66 -6.41 -8.64
CA LYS B 144 -24.62 -7.48 -8.34
C LYS B 144 -24.06 -8.60 -7.47
N VAL B 145 -22.73 -8.69 -7.34
CA VAL B 145 -22.10 -9.70 -6.50
C VAL B 145 -21.13 -9.12 -5.45
N GLY B 146 -21.16 -7.80 -5.29
CA GLY B 146 -20.28 -7.12 -4.32
C GLY B 146 -18.82 -7.06 -4.72
N ALA B 147 -18.55 -7.17 -6.02
CA ALA B 147 -17.20 -6.99 -6.54
C ALA B 147 -16.88 -5.52 -6.76
N LYS B 148 -15.59 -5.19 -6.81
CA LYS B 148 -15.20 -3.79 -6.96
C LYS B 148 -14.41 -3.59 -8.24
N VAL B 149 -14.33 -2.35 -8.71
CA VAL B 149 -13.57 -2.02 -9.92
C VAL B 149 -12.61 -0.89 -9.56
N CYS B 150 -11.31 -1.06 -9.83
CA CYS B 150 -10.35 0.08 -9.79
C CYS B 150 -9.57 0.23 -11.11
N PHE B 151 -8.75 1.27 -11.21
CA PHE B 151 -8.25 1.68 -12.53
C PHE B 151 -6.74 1.56 -12.72
N HIS B 152 -6.34 0.96 -13.83
CA HIS B 152 -4.93 0.79 -14.07
C HIS B 152 -4.45 1.74 -15.18
N ILE B 153 -3.74 2.79 -14.77
CA ILE B 153 -3.46 3.90 -15.69
C ILE B 153 -2.21 3.68 -16.52
N GLU B 154 -2.45 3.34 -17.79
CA GLU B 154 -1.42 2.90 -18.71
C GLU B 154 -0.63 4.06 -19.35
N PRO B 155 0.54 3.76 -19.96
CA PRO B 155 1.33 4.86 -20.52
C PRO B 155 0.72 5.35 -21.83
N PHE B 156 -0.34 6.13 -21.74
CA PHE B 156 -1.02 6.61 -22.96
C PHE B 156 -0.24 7.77 -23.56
N ASN B 157 -0.62 8.12 -24.79
CA ASN B 157 -0.06 9.26 -25.51
C ASN B 157 -0.15 10.58 -24.74
N GLY B 158 0.99 11.27 -24.68
CA GLY B 158 1.10 12.51 -23.92
C GLY B 158 0.76 12.44 -22.43
N ARG B 159 0.72 11.26 -21.83
CA ARG B 159 0.50 11.16 -20.39
C ARG B 159 1.52 12.00 -19.61
N SER B 160 0.98 12.81 -18.69
CA SER B 160 1.75 13.75 -17.89
C SER B 160 1.00 13.97 -16.57
N PRO B 161 1.62 14.61 -15.57
CA PRO B 161 0.91 14.91 -14.33
C PRO B 161 -0.44 15.60 -14.53
N GLN B 162 -0.54 16.45 -15.55
CA GLN B 162 -1.78 17.22 -15.81
C GLN B 162 -2.89 16.35 -16.40
N THR B 163 -2.52 15.45 -17.32
CA THR B 163 -3.49 14.62 -18.04
C THR B 163 -3.89 13.37 -17.22
N VAL B 164 -3.02 12.96 -16.29
CA VAL B 164 -3.42 11.95 -15.30
C VAL B 164 -4.51 12.53 -14.41
N ARG B 165 -4.32 13.79 -13.99
CA ARG B 165 -5.29 14.50 -13.17
C ARG B 165 -6.62 14.65 -13.88
N GLU B 166 -6.58 14.97 -15.17
CA GLU B 166 -7.79 15.05 -15.99
C GLU B 166 -8.47 13.68 -16.09
N ASN B 167 -7.66 12.62 -16.14
CA ASN B 167 -8.20 11.26 -16.15
C ASN B 167 -8.64 10.83 -14.76
N ILE B 168 -8.01 11.39 -13.72
CA ILE B 168 -8.50 11.18 -12.35
C ILE B 168 -9.88 11.85 -12.25
N GLN B 169 -9.95 13.14 -12.55
CA GLN B 169 -11.21 13.88 -12.62
C GLN B 169 -12.27 13.10 -13.38
N TYR B 170 -11.94 12.65 -14.59
CA TYR B 170 -12.94 11.99 -15.44
C TYR B 170 -13.48 10.73 -14.80
N ILE B 171 -12.56 9.87 -14.34
CA ILE B 171 -12.95 8.59 -13.71
C ILE B 171 -13.85 8.77 -12.48
N VAL B 172 -13.42 9.61 -11.53
CA VAL B 172 -14.17 9.85 -10.30
C VAL B 172 -15.54 10.48 -10.57
N ASP B 173 -15.59 11.46 -11.47
CA ASP B 173 -16.86 12.14 -11.78
C ASP B 173 -17.87 11.18 -12.44
N THR B 174 -17.35 10.27 -13.25
CA THR B 174 -18.19 9.39 -14.09
C THR B 174 -18.59 8.10 -13.38
N TYR B 175 -17.63 7.51 -12.67
CA TYR B 175 -17.80 6.17 -12.08
C TYR B 175 -17.80 6.15 -10.56
N GLY B 176 -17.33 7.24 -9.94
CA GLY B 176 -17.15 7.31 -8.49
C GLY B 176 -18.34 6.92 -7.62
N ASP B 177 -19.52 7.41 -7.99
CA ASP B 177 -20.76 7.16 -7.26
C ASP B 177 -21.40 5.82 -7.60
N HIS B 178 -20.80 5.07 -8.52
CA HIS B 178 -21.31 3.72 -8.82
C HIS B 178 -20.99 2.81 -7.63
N PRO B 179 -21.93 1.91 -7.25
CA PRO B 179 -21.73 1.06 -6.09
C PRO B 179 -20.65 -0.02 -6.26
N ALA B 180 -20.06 -0.16 -7.44
CA ALA B 180 -18.94 -1.11 -7.57
C ALA B 180 -17.62 -0.39 -7.71
N PHE B 181 -17.62 0.93 -7.52
CA PHE B 181 -16.41 1.70 -7.63
C PHE B 181 -15.56 1.57 -6.36
N TYR B 182 -14.46 0.85 -6.50
CA TYR B 182 -13.62 0.46 -5.37
C TYR B 182 -13.17 1.64 -4.54
N ARG B 183 -13.39 1.54 -3.24
CA ARG B 183 -12.72 2.38 -2.26
C ARG B 183 -12.20 1.52 -1.13
N THR B 184 -10.98 1.80 -0.69
CA THR B 184 -10.47 1.13 0.48
C THR B 184 -10.01 2.19 1.49
N HIS B 185 -10.61 2.18 2.68
CA HIS B 185 -10.42 3.28 3.62
C HIS B 185 -10.87 4.59 3.00
N GLY B 186 -12.11 4.67 2.54
CA GLY B 186 -12.63 5.91 1.98
C GLY B 186 -11.98 6.39 0.68
N LYS B 187 -10.97 5.66 0.20
CA LYS B 187 -10.10 6.15 -0.88
C LYS B 187 -10.11 5.28 -2.16
N PRO B 188 -10.25 5.93 -3.33
CA PRO B 188 -9.99 5.20 -4.57
C PRO B 188 -8.50 4.83 -4.64
N LEU B 189 -8.18 3.76 -5.35
CA LEU B 189 -6.79 3.36 -5.50
C LEU B 189 -6.39 3.26 -6.97
N PHE B 190 -5.33 3.97 -7.33
CA PHE B 190 -4.85 4.00 -8.74
C PHE B 190 -3.49 3.42 -8.92
N PHE B 191 -3.45 2.39 -9.76
CA PHE B 191 -2.23 1.80 -10.25
C PHE B 191 -1.79 2.59 -11.48
N ILE B 192 -0.52 3.00 -11.50
CA ILE B 192 0.05 3.72 -12.61
C ILE B 192 1.21 2.94 -13.18
N TYR B 193 1.06 2.60 -14.45
CA TYR B 193 2.04 1.81 -15.16
C TYR B 193 3.16 2.69 -15.71
N ASP B 194 4.40 2.21 -15.61
CA ASP B 194 5.59 2.92 -16.13
C ASP B 194 5.55 4.40 -15.77
N SER B 195 5.04 4.62 -14.57
CA SER B 195 5.05 5.88 -13.86
C SER B 195 6.42 6.52 -13.79
N TYR B 196 7.46 5.72 -13.93
CA TYR B 196 8.83 6.23 -13.98
C TYR B 196 9.13 6.97 -15.30
N LEU B 197 8.23 6.91 -16.28
CA LEU B 197 8.38 7.76 -17.48
C LEU B 197 8.28 9.25 -17.12
N ILE B 198 7.67 9.52 -15.96
CA ILE B 198 7.49 10.88 -15.47
C ILE B 198 8.43 11.01 -14.27
N LYS B 199 9.16 12.10 -14.20
CA LYS B 199 10.04 12.34 -13.06
C LYS B 199 9.23 12.40 -11.75
N PRO B 200 9.85 11.93 -10.62
CA PRO B 200 9.24 12.03 -9.29
C PRO B 200 8.87 13.46 -8.88
N ALA B 201 9.77 14.44 -9.04
CA ALA B 201 9.43 15.81 -8.62
C ALA B 201 8.25 16.34 -9.43
N GLU B 202 8.12 15.87 -10.66
CA GLU B 202 7.00 16.27 -11.50
C GLU B 202 5.70 15.69 -10.99
N TRP B 203 5.69 14.37 -10.72
CA TRP B 203 4.54 13.70 -10.10
C TRP B 203 4.09 14.41 -8.84
N ALA B 204 5.06 14.83 -8.03
CA ALA B 204 4.83 15.54 -6.76
C ALA B 204 3.94 16.78 -6.87
N LYS B 205 3.98 17.47 -8.02
CA LYS B 205 3.05 18.58 -8.23
C LYS B 205 1.63 18.05 -8.08
N LEU B 206 1.36 16.88 -8.66
CA LEU B 206 0.06 16.23 -8.57
C LEU B 206 -0.24 15.65 -7.17
N PHE B 207 0.76 15.05 -6.54
CA PHE B 207 0.48 14.19 -5.40
C PHE B 207 0.86 14.75 -4.02
N ALA B 208 1.63 15.84 -4.01
CA ALA B 208 2.04 16.52 -2.79
C ALA B 208 0.96 17.52 -2.43
N ALA B 209 0.82 17.77 -1.12
CA ALA B 209 -0.29 18.55 -0.58
C ALA B 209 -0.34 19.98 -1.10
N GLY B 210 0.79 20.67 -1.04
CA GLY B 210 0.90 22.02 -1.57
C GLY B 210 1.50 22.07 -2.98
N GLY B 211 1.49 20.91 -3.65
CA GLY B 211 1.85 20.83 -5.06
C GLY B 211 0.93 21.67 -5.92
N GLU B 212 1.49 22.10 -7.04
CA GLU B 212 0.90 23.12 -7.88
C GLU B 212 -0.42 22.72 -8.50
N ILE B 213 -0.56 21.43 -8.85
CA ILE B 213 -1.84 20.88 -9.32
C ILE B 213 -2.47 19.79 -8.38
N SER B 214 -2.10 19.79 -7.11
CA SER B 214 -2.50 18.73 -6.15
C SER B 214 -3.96 18.23 -6.22
N VAL B 215 -4.16 16.92 -6.01
CA VAL B 215 -5.52 16.35 -5.82
C VAL B 215 -5.82 16.01 -4.36
N ARG B 216 -4.84 16.28 -3.49
CA ARG B 216 -4.96 15.99 -2.06
C ARG B 216 -6.00 16.85 -1.36
N ASN B 217 -6.95 16.17 -0.68
CA ASN B 217 -8.10 16.78 0.00
C ASN B 217 -9.04 17.46 -0.98
N THR B 218 -9.19 16.82 -2.14
CA THR B 218 -10.24 17.17 -3.09
C THR B 218 -11.05 15.89 -3.24
N LYS B 219 -12.19 15.98 -3.92
CA LYS B 219 -12.93 14.78 -4.28
C LYS B 219 -12.15 13.83 -5.20
N TYR B 220 -10.96 14.22 -5.64
CA TYR B 220 -10.10 13.38 -6.49
C TYR B 220 -8.88 12.85 -5.72
N ASP B 221 -8.96 12.87 -4.39
CA ASP B 221 -7.90 12.28 -3.57
C ASP B 221 -8.02 10.76 -3.60
N GLY B 222 -6.98 10.08 -3.11
CA GLY B 222 -6.98 8.63 -3.07
C GLY B 222 -5.62 8.05 -2.77
N LEU B 223 -5.41 6.81 -3.19
CA LEU B 223 -4.11 6.20 -3.06
C LEU B 223 -3.58 5.83 -4.42
N PHE B 224 -2.48 6.46 -4.76
CA PHE B 224 -1.90 6.33 -6.06
C PHE B 224 -0.71 5.41 -5.98
N ILE B 225 -0.67 4.41 -6.86
CA ILE B 225 0.34 3.36 -6.73
C ILE B 225 1.23 3.37 -7.96
N GLY B 226 2.52 3.60 -7.75
CA GLY B 226 3.47 3.68 -8.85
C GLY B 226 4.27 2.42 -9.02
N LEU B 227 4.76 2.19 -10.24
CA LEU B 227 5.50 0.98 -10.49
C LEU B 227 6.96 1.14 -10.01
N THR B 228 7.51 0.06 -9.46
CA THR B 228 8.89 0.05 -8.98
C THR B 228 9.64 -1.09 -9.68
N LEU B 229 10.79 -0.75 -10.23
CA LEU B 229 11.67 -1.73 -10.87
C LEU B 229 12.71 -2.25 -9.88
N LYS B 230 13.00 -1.49 -8.83
CA LYS B 230 14.04 -1.91 -7.86
C LYS B 230 14.05 -1.27 -6.49
N GLU B 231 14.38 -2.10 -5.51
CA GLU B 231 14.39 -1.70 -4.12
C GLU B 231 15.19 -0.42 -3.88
N SER B 232 16.28 -0.24 -4.63
CA SER B 232 17.13 0.96 -4.44
C SER B 232 16.42 2.25 -4.85
N GLU B 233 15.32 2.13 -5.58
CA GLU B 233 14.64 3.29 -6.14
C GLU B 233 13.36 3.63 -5.43
N LEU B 234 13.17 3.01 -4.28
CA LEU B 234 11.99 3.22 -3.47
C LEU B 234 11.83 4.65 -2.97
N PRO B 235 12.96 5.35 -2.71
CA PRO B 235 12.72 6.74 -2.32
C PRO B 235 12.10 7.60 -3.43
N ASP B 236 12.16 7.14 -4.68
CA ASP B 236 11.49 7.85 -5.80
C ASP B 236 9.98 7.91 -5.59
N ILE B 237 9.44 6.95 -4.83
CA ILE B 237 8.02 6.90 -4.46
C ILE B 237 7.70 7.98 -3.42
N GLU B 238 8.64 8.21 -2.51
CA GLU B 238 8.52 9.29 -1.52
C GLU B 238 8.54 10.67 -2.19
N THR B 239 9.56 10.89 -3.01
CA THR B 239 9.76 12.14 -3.75
C THR B 239 8.61 12.38 -4.74
N ALA B 240 7.77 11.37 -4.96
CA ALA B 240 6.68 11.47 -5.91
C ALA B 240 5.39 11.77 -5.17
N CYS B 241 5.42 11.48 -3.87
CA CYS B 241 4.29 11.62 -2.96
C CYS B 241 3.21 10.69 -3.42
N MET B 242 3.64 9.49 -3.80
CA MET B 242 2.72 8.44 -4.12
C MET B 242 2.44 7.65 -2.86
N ASP B 243 1.31 6.95 -2.86
CA ASP B 243 0.83 6.31 -1.64
C ASP B 243 1.41 4.92 -1.47
N GLY B 244 2.27 4.52 -2.40
CA GLY B 244 2.86 3.19 -2.37
C GLY B 244 3.26 2.74 -3.75
N PHE B 245 3.63 1.47 -3.88
CA PHE B 245 4.22 0.98 -5.10
C PHE B 245 3.79 -0.47 -5.39
N TYR B 246 3.79 -0.85 -6.66
CA TYR B 246 3.53 -2.25 -7.02
C TYR B 246 4.63 -2.72 -7.94
N THR B 247 4.64 -4.01 -8.27
CA THR B 247 5.72 -4.56 -9.10
C THR B 247 5.32 -5.04 -10.51
N TYR B 248 4.04 -5.07 -10.79
CA TYR B 248 3.43 -5.72 -11.97
C TYR B 248 3.90 -7.11 -12.49
N PHE B 249 5.18 -7.27 -12.79
CA PHE B 249 5.58 -8.41 -13.63
C PHE B 249 5.37 -9.75 -12.99
N ALA B 250 4.73 -10.63 -13.75
CA ALA B 250 4.48 -12.01 -13.32
C ALA B 250 5.77 -12.84 -13.30
N ALA B 251 6.69 -12.52 -14.20
CA ALA B 251 7.94 -13.29 -14.37
C ALA B 251 8.98 -13.03 -13.27
N THR B 252 9.17 -14.02 -12.41
CA THR B 252 10.16 -13.96 -11.35
C THR B 252 11.55 -13.63 -11.88
N GLY B 253 12.14 -12.58 -11.29
CA GLY B 253 13.49 -12.14 -11.63
C GLY B 253 13.57 -11.09 -12.73
N PHE B 254 12.43 -10.78 -13.36
CA PHE B 254 12.47 -9.86 -14.47
C PHE B 254 13.06 -8.52 -14.06
N THR B 255 12.73 -8.10 -12.87
CA THR B 255 13.40 -6.95 -12.29
C THR B 255 13.81 -7.30 -10.89
N ASN B 256 14.70 -6.50 -10.32
CA ASN B 256 15.00 -6.57 -8.91
C ASN B 256 13.71 -6.59 -8.08
N ALA B 257 12.79 -5.65 -8.34
CA ALA B 257 11.50 -5.60 -7.60
C ALA B 257 10.54 -6.76 -7.85
N SER B 258 10.61 -7.38 -9.01
CA SER B 258 9.77 -8.56 -9.25
C SER B 258 10.53 -9.85 -8.88
N THR B 259 11.47 -9.70 -7.95
CA THR B 259 12.21 -10.81 -7.33
C THR B 259 11.61 -11.08 -5.95
N PRO B 260 10.90 -12.21 -5.79
CA PRO B 260 10.16 -12.45 -4.55
C PRO B 260 11.04 -12.52 -3.29
N ALA B 261 12.27 -13.03 -3.40
CA ALA B 261 13.26 -13.02 -2.31
C ALA B 261 13.48 -11.64 -1.66
N ASN B 262 13.27 -10.57 -2.42
CA ASN B 262 13.41 -9.18 -1.90
C ASN B 262 12.20 -8.58 -1.21
N TRP B 263 11.07 -9.29 -1.26
CA TRP B 263 9.79 -8.67 -0.94
C TRP B 263 9.60 -8.30 0.53
N LYS B 264 10.14 -9.14 1.40
CA LYS B 264 10.14 -8.87 2.83
C LYS B 264 10.88 -7.57 3.13
N SER B 265 12.05 -7.39 2.51
CA SER B 265 12.83 -6.18 2.74
C SER B 265 12.05 -4.94 2.25
N MET B 266 11.37 -5.10 1.13
CA MET B 266 10.51 -4.03 0.56
C MET B 266 9.27 -3.77 1.39
N GLN B 267 8.63 -4.82 1.92
CA GLN B 267 7.51 -4.62 2.86
C GLN B 267 7.96 -3.86 4.09
N GLN B 268 9.15 -4.19 4.59
CA GLN B 268 9.75 -3.46 5.70
C GLN B 268 9.79 -1.97 5.34
N TRP B 269 10.57 -1.64 4.32
CA TRP B 269 10.69 -0.26 3.85
C TRP B 269 9.34 0.43 3.86
N ALA B 270 8.34 -0.23 3.27
CA ALA B 270 7.00 0.32 3.11
C ALA B 270 6.34 0.74 4.43
N LYS B 271 6.36 -0.13 5.45
CA LYS B 271 5.71 0.27 6.69
C LYS B 271 6.55 1.28 7.48
N ALA B 272 7.87 1.14 7.39
CA ALA B 272 8.80 2.15 7.92
C ALA B 272 8.63 3.56 7.29
N HIS B 273 8.18 3.64 6.03
CA HIS B 273 8.04 4.94 5.35
C HIS B 273 6.57 5.32 5.06
N ASN B 274 5.64 4.65 5.72
CA ASN B 274 4.21 4.87 5.52
C ASN B 274 3.77 4.84 4.04
N LYS B 275 4.12 3.76 3.34
CA LYS B 275 3.68 3.56 1.97
C LYS B 275 3.05 2.18 1.83
N LEU B 276 2.20 2.00 0.83
CA LEU B 276 1.62 0.68 0.55
C LEU B 276 2.47 -0.12 -0.45
N PHE B 277 2.87 -1.33 -0.08
CA PHE B 277 3.55 -2.27 -0.97
C PHE B 277 2.50 -3.25 -1.45
N ILE B 278 2.35 -3.38 -2.76
CA ILE B 278 1.39 -4.30 -3.34
C ILE B 278 2.13 -5.20 -4.32
N PRO B 279 2.60 -6.37 -3.85
CA PRO B 279 3.32 -7.28 -4.72
C PRO B 279 2.39 -7.84 -5.79
N SER B 280 2.96 -8.06 -6.97
CA SER B 280 2.23 -8.70 -8.05
C SER B 280 2.72 -10.12 -8.22
N VAL B 281 1.76 -11.01 -8.42
CA VAL B 281 2.01 -12.44 -8.47
C VAL B 281 1.33 -12.93 -9.71
N GLY B 282 1.99 -13.83 -10.46
CA GLY B 282 1.29 -14.56 -11.53
C GLY B 282 1.63 -16.04 -11.59
N PRO B 283 0.94 -16.78 -12.49
CA PRO B 283 0.95 -18.25 -12.70
C PRO B 283 2.14 -18.77 -13.46
N GLY B 284 2.80 -17.86 -14.17
CA GLY B 284 3.82 -18.19 -15.15
C GLY B 284 3.87 -17.03 -16.12
N TYR B 285 4.67 -17.19 -17.16
CA TYR B 285 4.77 -16.19 -18.21
C TYR B 285 5.11 -16.89 -19.52
N ILE B 286 4.39 -16.55 -20.57
CA ILE B 286 4.89 -16.80 -21.94
C ILE B 286 4.25 -15.86 -22.96
N ASP B 287 5.08 -15.10 -23.67
CA ASP B 287 4.63 -14.20 -24.73
C ASP B 287 5.24 -14.48 -26.12
N THR B 288 5.88 -15.64 -26.28
CA THR B 288 6.67 -15.94 -27.48
C THR B 288 5.88 -16.20 -28.77
N ARG B 289 4.56 -16.06 -28.71
CA ARG B 289 3.73 -16.06 -29.91
C ARG B 289 3.61 -14.67 -30.50
N ILE B 290 3.78 -13.65 -29.66
CA ILE B 290 3.81 -12.27 -30.16
C ILE B 290 5.27 -11.77 -30.21
N ARG B 291 6.14 -12.44 -29.45
CA ARG B 291 7.53 -12.04 -29.27
C ARG B 291 8.59 -13.18 -29.32
N PRO B 292 8.65 -13.99 -30.41
CA PRO B 292 9.63 -15.11 -30.46
C PRO B 292 11.04 -14.84 -29.92
N TRP B 293 11.40 -13.57 -29.74
CA TRP B 293 12.73 -13.20 -29.24
C TRP B 293 12.79 -13.07 -27.69
N ASN B 294 11.63 -13.15 -27.03
CA ASN B 294 11.54 -12.88 -25.60
C ASN B 294 11.60 -14.17 -24.77
N GLY B 295 12.55 -15.06 -25.12
CA GLY B 295 12.60 -16.39 -24.51
C GLY B 295 12.98 -16.36 -23.04
N SER B 296 13.78 -15.35 -22.68
CA SER B 296 14.31 -15.18 -21.34
C SER B 296 13.26 -14.90 -20.28
N THR B 297 12.12 -14.35 -20.68
CA THR B 297 11.08 -13.98 -19.71
C THR B 297 9.99 -15.05 -19.55
N THR B 298 10.05 -16.11 -20.36
CA THR B 298 9.21 -17.29 -20.19
C THR B 298 9.44 -17.92 -18.81
N ARG B 299 8.34 -18.21 -18.10
CA ARG B 299 8.40 -18.98 -16.87
C ARG B 299 7.41 -20.13 -16.97
N ASP B 300 7.89 -21.35 -16.80
CA ASP B 300 7.02 -22.55 -16.86
C ASP B 300 6.12 -22.61 -15.66
N ARG B 301 4.88 -23.03 -15.88
CA ARG B 301 3.88 -22.99 -14.82
C ARG B 301 4.13 -24.15 -13.85
N GLU B 302 4.80 -25.19 -14.34
CA GLU B 302 5.24 -26.31 -13.53
C GLU B 302 4.14 -26.89 -12.64
N ASN B 303 2.98 -27.08 -13.28
CA ASN B 303 1.80 -27.72 -12.70
C ASN B 303 1.28 -27.04 -11.44
N GLY B 304 1.33 -25.71 -11.41
CA GLY B 304 0.77 -24.92 -10.32
C GLY B 304 1.77 -24.47 -9.26
N LYS B 305 2.94 -25.11 -9.26
CA LYS B 305 3.98 -24.81 -8.29
C LYS B 305 4.61 -23.40 -8.43
N TYR B 306 4.73 -22.90 -9.65
CA TYR B 306 5.29 -21.56 -9.83
C TYR B 306 4.46 -20.50 -9.11
N TYR B 307 3.14 -20.56 -9.32
CA TYR B 307 2.16 -19.65 -8.73
C TYR B 307 2.14 -19.79 -7.20
N ASP B 308 2.23 -21.04 -6.72
CA ASP B 308 2.21 -21.30 -5.27
C ASP B 308 3.42 -20.62 -4.62
N ASP B 309 4.61 -20.80 -5.21
CA ASP B 309 5.83 -20.27 -4.56
C ASP B 309 5.77 -18.74 -4.59
N MET B 310 5.23 -18.18 -5.68
CA MET B 310 5.13 -16.73 -5.79
C MET B 310 4.01 -16.18 -4.92
N TYR B 311 2.91 -16.90 -4.82
CA TYR B 311 1.79 -16.41 -4.00
C TYR B 311 2.15 -16.47 -2.50
N LYS B 312 2.70 -17.60 -2.05
CA LYS B 312 3.12 -17.75 -0.66
C LYS B 312 4.10 -16.65 -0.28
N ALA B 313 5.05 -16.37 -1.16
CA ALA B 313 6.11 -15.39 -0.86
C ALA B 313 5.53 -13.97 -0.72
N ALA B 314 4.48 -13.69 -1.46
CA ALA B 314 3.74 -12.43 -1.32
C ALA B 314 3.03 -12.35 0.04
N ILE B 315 2.37 -13.43 0.43
CA ILE B 315 1.64 -13.41 1.71
C ILE B 315 2.64 -13.28 2.87
N GLU B 316 3.80 -13.92 2.70
CA GLU B 316 4.83 -13.95 3.73
C GLU B 316 5.56 -12.61 3.84
N SER B 317 5.52 -11.82 2.77
CA SER B 317 6.14 -10.50 2.80
C SER B 317 5.48 -9.68 3.90
N GLY B 318 4.20 -10.02 4.16
CA GLY B 318 3.38 -9.35 5.18
C GLY B 318 2.71 -8.11 4.60
N ALA B 319 2.56 -8.10 3.29
CA ALA B 319 1.85 -7.05 2.57
C ALA B 319 0.34 -7.14 2.77
N SER B 320 -0.31 -5.98 2.85
CA SER B 320 -1.74 -5.88 3.14
C SER B 320 -2.59 -5.89 1.87
N TYR B 321 -1.92 -5.81 0.73
CA TYR B 321 -2.60 -5.90 -0.57
C TYR B 321 -1.74 -6.69 -1.52
N ILE B 322 -2.40 -7.49 -2.33
CA ILE B 322 -1.75 -8.34 -3.30
C ILE B 322 -2.48 -8.14 -4.61
N SER B 323 -1.69 -7.94 -5.67
CA SER B 323 -2.18 -7.87 -7.02
C SER B 323 -1.78 -9.13 -7.82
N ILE B 324 -2.66 -9.46 -8.75
CA ILE B 324 -2.53 -10.61 -9.64
C ILE B 324 -2.35 -10.16 -11.08
N THR B 325 -1.20 -10.51 -11.62
CA THR B 325 -0.86 -10.33 -13.02
C THR B 325 -0.95 -11.71 -13.66
N SER B 326 -2.06 -12.08 -14.30
CA SER B 326 -3.20 -11.23 -14.62
C SER B 326 -4.41 -12.13 -14.61
N PHE B 327 -5.59 -11.54 -14.70
CA PHE B 327 -6.81 -12.30 -14.97
C PHE B 327 -6.79 -12.73 -16.45
N ASN B 328 -6.54 -11.78 -17.35
CA ASN B 328 -6.70 -11.99 -18.81
C ASN B 328 -5.74 -11.25 -19.76
N GLU B 329 -4.51 -11.03 -19.34
CA GLU B 329 -3.49 -10.62 -20.31
C GLU B 329 -2.96 -11.87 -21.05
N TRP B 330 -3.74 -12.34 -22.02
CA TRP B 330 -3.41 -13.55 -22.81
C TRP B 330 -2.16 -13.44 -23.69
N HIS B 331 -1.88 -12.26 -24.26
CA HIS B 331 -0.68 -12.14 -25.10
C HIS B 331 0.59 -12.43 -24.27
N GLU B 332 0.58 -12.01 -23.00
CA GLU B 332 1.75 -12.23 -22.13
C GLU B 332 1.70 -13.57 -21.37
N GLY B 333 0.56 -14.25 -21.41
CA GLY B 333 0.44 -15.62 -20.92
C GLY B 333 0.48 -15.76 -19.40
N THR B 334 -0.08 -14.78 -18.72
CA THR B 334 -0.11 -14.71 -17.26
C THR B 334 -1.53 -14.93 -16.74
N GLN B 335 -2.47 -15.11 -17.67
CA GLN B 335 -3.89 -15.20 -17.31
C GLN B 335 -4.17 -16.36 -16.35
N ILE B 336 -4.99 -16.10 -15.35
CA ILE B 336 -5.56 -17.16 -14.53
C ILE B 336 -6.88 -17.62 -15.17
N GLU B 337 -7.43 -16.79 -16.05
CA GLU B 337 -8.68 -17.11 -16.76
C GLU B 337 -8.55 -18.49 -17.41
N PRO B 338 -9.64 -19.32 -17.37
CA PRO B 338 -9.57 -20.71 -17.87
C PRO B 338 -9.07 -20.86 -19.31
N ALA B 339 -8.24 -21.88 -19.51
CA ALA B 339 -7.71 -22.20 -20.81
C ALA B 339 -7.98 -23.66 -21.14
N VAL B 340 -8.26 -23.91 -22.42
CA VAL B 340 -8.60 -25.25 -22.87
C VAL B 340 -7.54 -25.69 -23.86
N SER B 341 -7.44 -26.99 -24.05
CA SER B 341 -6.59 -27.56 -25.08
C SER B 341 -7.18 -27.21 -26.44
N LYS B 342 -6.31 -26.90 -27.39
CA LYS B 342 -6.69 -26.52 -28.72
C LYS B 342 -5.53 -26.95 -29.59
N LYS B 343 -5.82 -27.63 -30.68
CA LYS B 343 -4.79 -27.97 -31.65
C LYS B 343 -4.66 -26.92 -32.76
N CYS B 344 -5.75 -26.66 -33.50
CA CYS B 344 -5.69 -25.96 -34.81
C CYS B 344 -4.48 -26.40 -35.67
N ASP B 345 -4.05 -25.56 -36.62
CA ASP B 345 -2.97 -25.94 -37.55
C ASP B 345 -1.58 -25.45 -37.16
N ALA B 346 -1.19 -24.29 -37.70
CA ALA B 346 0.13 -23.67 -37.52
C ALA B 346 0.86 -24.05 -36.23
N PHE B 347 0.17 -23.92 -35.10
CA PHE B 347 0.77 -24.15 -33.79
C PHE B 347 -0.25 -24.73 -32.80
N GLU B 348 0.21 -25.61 -31.92
CA GLU B 348 -0.63 -26.17 -30.85
C GLU B 348 -0.36 -25.40 -29.54
N TYR B 349 -1.43 -25.01 -28.88
CA TYR B 349 -1.35 -24.13 -27.71
C TYR B 349 -0.91 -24.88 -26.46
N LEU B 350 -0.14 -24.19 -25.60
CA LEU B 350 0.05 -24.65 -24.23
C LEU B 350 -1.33 -24.60 -23.58
N ASP B 351 -1.56 -25.45 -22.59
CA ASP B 351 -2.83 -25.42 -21.84
C ASP B 351 -2.56 -25.74 -20.38
N TYR B 352 -3.59 -25.99 -19.57
CA TYR B 352 -3.32 -26.25 -18.15
C TYR B 352 -3.23 -27.73 -17.80
N LYS B 353 -3.37 -28.64 -18.78
CA LYS B 353 -3.19 -30.09 -18.52
C LYS B 353 -1.86 -30.28 -17.80
N PRO B 354 -1.86 -31.14 -16.75
CA PRO B 354 -2.95 -32.02 -16.29
C PRO B 354 -3.98 -31.39 -15.35
N LEU B 355 -3.92 -30.08 -15.14
CA LEU B 355 -4.83 -29.44 -14.19
C LEU B 355 -6.13 -29.12 -14.91
N ALA B 356 -7.19 -28.85 -14.12
CA ALA B 356 -8.49 -28.43 -14.65
C ALA B 356 -8.40 -27.10 -15.41
N ASP B 357 -9.36 -26.86 -16.31
CA ASP B 357 -9.46 -25.61 -17.07
C ASP B 357 -9.53 -24.47 -16.11
N ASP B 358 -10.30 -24.64 -15.03
CA ASP B 358 -10.49 -23.60 -14.06
C ASP B 358 -9.52 -23.67 -12.85
N TYR B 359 -8.50 -24.52 -12.94
CA TYR B 359 -7.49 -24.70 -11.87
C TYR B 359 -7.03 -23.41 -11.26
N TYR B 360 -6.55 -22.48 -12.11
CA TYR B 360 -5.99 -21.20 -11.62
C TYR B 360 -6.99 -20.31 -10.93
N LEU B 361 -8.27 -20.49 -11.20
CA LEU B 361 -9.23 -19.64 -10.49
C LEU B 361 -9.43 -20.21 -9.10
N ILE B 362 -9.44 -21.55 -9.04
CA ILE B 362 -9.69 -22.28 -7.81
C ILE B 362 -8.46 -22.29 -6.91
N ARG B 363 -7.27 -22.21 -7.48
CA ARG B 363 -6.06 -22.15 -6.66
C ARG B 363 -5.79 -20.74 -6.15
N THR B 364 -6.32 -19.74 -6.86
CA THR B 364 -6.33 -18.38 -6.34
C THR B 364 -7.17 -18.30 -5.08
N ALA B 365 -8.38 -18.87 -5.12
CA ALA B 365 -9.24 -19.02 -3.93
C ALA B 365 -8.49 -19.62 -2.72
N TYR B 366 -7.82 -20.73 -2.94
CA TYR B 366 -6.88 -21.23 -1.96
C TYR B 366 -5.93 -20.17 -1.36
N TRP B 367 -5.23 -19.43 -2.20
CA TRP B 367 -4.22 -18.48 -1.72
C TRP B 367 -4.76 -17.20 -1.11
N VAL B 368 -5.89 -16.75 -1.65
CA VAL B 368 -6.66 -15.62 -1.11
C VAL B 368 -7.05 -15.90 0.33
N ASP B 369 -7.46 -17.15 0.58
CA ASP B 369 -7.99 -17.55 1.87
C ASP B 369 -6.84 -17.57 2.86
N GLU B 370 -5.72 -18.17 2.46
CA GLU B 370 -4.50 -18.08 3.24
C GLU B 370 -4.13 -16.63 3.55
N PHE B 371 -4.09 -15.80 2.52
CA PHE B 371 -3.82 -14.36 2.64
C PHE B 371 -4.73 -13.74 3.70
N ARG B 372 -5.98 -14.18 3.71
CA ARG B 372 -7.06 -13.53 4.47
C ARG B 372 -6.91 -13.94 5.94
N LYS B 373 -6.53 -15.20 6.12
CA LYS B 373 -6.31 -15.79 7.45
C LYS B 373 -5.11 -15.18 8.18
N ALA B 374 -4.06 -14.81 7.43
CA ALA B 374 -2.87 -14.21 8.00
C ALA B 374 -3.07 -12.73 8.34
N ARG B 375 -3.88 -12.04 7.55
CA ARG B 375 -4.26 -10.67 7.86
C ARG B 375 -5.22 -10.56 9.05
N SER B 376 -6.05 -11.58 9.27
CA SER B 376 -6.89 -11.59 10.49
C SER B 376 -6.06 -11.80 11.78
N ALA B 377 -4.91 -12.46 11.69
CA ALA B 377 -3.93 -12.49 12.78
C ALA B 377 -3.07 -11.23 12.82
N SER B 378 -3.73 -10.06 12.88
CA SER B 378 -3.08 -8.78 13.22
C SER B 378 -3.92 -7.58 12.81
N THR C 37 -51.12 16.11 -9.24
CA THR C 37 -49.75 16.60 -9.58
C THR C 37 -49.21 16.09 -10.93
N LEU C 38 -49.15 16.98 -11.92
CA LEU C 38 -48.43 16.69 -13.19
C LEU C 38 -47.07 17.40 -13.24
N ASP C 39 -46.14 16.86 -14.03
CA ASP C 39 -44.84 17.50 -14.29
C ASP C 39 -44.75 17.94 -15.75
N ASP C 40 -44.78 19.26 -15.99
CA ASP C 40 -44.60 19.76 -17.35
C ASP C 40 -43.20 19.50 -17.97
N HIS C 41 -42.32 18.86 -17.23
CA HIS C 41 -40.96 18.59 -17.67
C HIS C 41 -40.69 17.13 -17.97
N THR C 42 -41.67 16.28 -17.65
CA THR C 42 -41.53 14.86 -17.96
C THR C 42 -42.41 14.49 -19.15
N ILE C 43 -41.83 13.86 -20.17
CA ILE C 43 -42.58 13.52 -21.39
C ILE C 43 -42.56 12.02 -21.66
N SER C 44 -43.73 11.45 -21.96
CA SER C 44 -43.77 10.03 -22.31
C SER C 44 -43.70 9.89 -23.81
N PHE C 45 -43.20 8.76 -24.30
CA PHE C 45 -43.35 8.46 -25.73
C PHE C 45 -44.64 7.67 -26.00
N TYR C 46 -45.57 8.33 -26.68
CA TYR C 46 -46.92 7.81 -26.84
C TYR C 46 -47.16 7.33 -28.27
N TYR C 47 -47.70 6.13 -28.36
CA TYR C 47 -48.03 5.51 -29.65
C TYR C 47 -49.53 5.37 -29.82
N ASN C 48 -50.03 5.94 -30.90
CA ASN C 48 -51.46 5.96 -31.15
C ASN C 48 -51.76 5.13 -32.40
N TRP C 49 -50.91 4.15 -32.62
CA TRP C 49 -51.06 3.35 -33.83
C TRP C 49 -51.83 2.03 -33.60
N TYR C 50 -52.59 1.94 -32.49
CA TYR C 50 -53.34 0.71 -32.12
C TYR C 50 -54.81 0.69 -32.56
N GLY C 51 -55.30 -0.49 -32.96
CA GLY C 51 -56.62 -0.62 -33.58
C GLY C 51 -57.09 -2.05 -33.43
N ASN C 52 -58.40 -2.23 -33.26
CA ASN C 52 -58.98 -3.57 -33.18
C ASN C 52 -60.21 -3.71 -34.09
N PRO C 53 -60.72 -4.94 -34.26
CA PRO C 53 -61.81 -5.12 -35.21
C PRO C 53 -63.14 -4.58 -34.72
N SER C 54 -63.30 -4.44 -33.41
CA SER C 54 -64.53 -3.95 -32.81
C SER C 54 -64.68 -2.43 -32.90
N VAL C 55 -63.55 -1.72 -32.88
CA VAL C 55 -63.54 -0.26 -33.02
C VAL C 55 -63.17 0.22 -34.45
N ASP C 56 -62.20 -0.41 -35.11
CA ASP C 56 -61.74 0.04 -36.44
C ASP C 56 -61.90 -0.94 -37.62
N GLY C 57 -62.78 -1.93 -37.51
CA GLY C 57 -62.92 -2.92 -38.58
C GLY C 57 -61.79 -3.94 -38.69
N GLU C 58 -60.57 -3.55 -38.28
CA GLU C 58 -59.41 -4.47 -38.36
C GLU C 58 -58.47 -4.23 -37.19
N MET C 59 -57.71 -5.27 -36.82
CA MET C 59 -56.61 -5.15 -35.87
C MET C 59 -55.52 -4.31 -36.53
N LYS C 60 -54.93 -3.40 -35.77
CA LYS C 60 -53.80 -2.62 -36.27
C LYS C 60 -52.65 -2.69 -35.28
N HIS C 61 -51.51 -3.18 -35.77
CA HIS C 61 -50.29 -3.36 -35.00
C HIS C 61 -50.29 -4.59 -34.12
N TRP C 62 -51.41 -4.81 -33.44
CA TRP C 62 -51.50 -5.92 -32.49
C TRP C 62 -51.15 -7.26 -33.13
N MET C 63 -51.32 -7.36 -34.45
CA MET C 63 -51.12 -8.62 -35.15
C MET C 63 -50.53 -8.36 -36.52
N ASP C 84 -54.97 -15.53 -27.42
CA ASP C 84 -54.50 -14.19 -27.81
C ASP C 84 -53.04 -14.16 -28.23
N ASP C 85 -52.80 -13.82 -29.50
CA ASP C 85 -51.47 -13.93 -30.11
C ASP C 85 -51.03 -12.60 -30.74
N ILE C 86 -50.42 -11.74 -29.91
CA ILE C 86 -50.13 -10.35 -30.30
C ILE C 86 -48.64 -10.09 -30.55
N ALA C 87 -48.34 -8.99 -31.27
CA ALA C 87 -46.96 -8.66 -31.62
C ALA C 87 -46.15 -8.08 -30.44
N CYS C 88 -46.15 -8.79 -29.31
CA CYS C 88 -45.38 -8.38 -28.11
C CYS C 88 -45.15 -9.51 -27.11
N ASN C 89 -44.21 -9.26 -26.19
CA ASN C 89 -43.84 -10.19 -25.16
C ASN C 89 -44.66 -9.97 -23.91
N PHE C 90 -45.39 -8.84 -23.87
CA PHE C 90 -46.26 -8.50 -22.73
C PHE C 90 -47.69 -8.39 -23.22
N TYR C 91 -48.64 -8.63 -22.31
CA TYR C 91 -50.06 -8.50 -22.60
C TYR C 91 -50.75 -7.35 -21.84
N PRO C 92 -51.40 -6.42 -22.56
CA PRO C 92 -51.97 -5.24 -21.90
C PRO C 92 -53.21 -5.52 -21.07
N GLU C 93 -53.22 -4.98 -19.85
CA GLU C 93 -54.40 -5.01 -18.97
C GLU C 93 -55.65 -4.58 -19.71
N LEU C 94 -55.49 -3.63 -20.62
CA LEU C 94 -56.58 -3.12 -21.42
C LEU C 94 -56.80 -3.91 -22.69
N GLY C 95 -56.06 -5.01 -22.84
CA GLY C 95 -56.30 -5.93 -23.96
C GLY C 95 -55.70 -5.39 -25.22
N THR C 96 -56.18 -5.87 -26.36
CA THR C 96 -55.73 -5.33 -27.64
C THR C 96 -56.61 -4.18 -28.01
N TYR C 97 -56.30 -3.02 -27.42
CA TYR C 97 -57.15 -1.85 -27.54
C TYR C 97 -57.00 -1.09 -28.87
N SER C 98 -57.89 -0.13 -29.06
CA SER C 98 -57.82 0.80 -30.18
C SER C 98 -57.36 2.15 -29.69
N SER C 99 -56.51 2.80 -30.49
CA SER C 99 -56.16 4.19 -30.23
C SER C 99 -57.25 5.18 -30.63
N ASN C 100 -58.32 4.69 -31.29
CA ASN C 100 -59.46 5.52 -31.71
C ASN C 100 -60.67 5.46 -30.76
N ASP C 101 -60.48 4.78 -29.64
CA ASP C 101 -61.53 4.53 -28.64
C ASP C 101 -61.33 5.51 -27.47
N PRO C 102 -62.27 6.43 -27.26
CA PRO C 102 -62.07 7.48 -26.23
C PRO C 102 -61.94 6.95 -24.82
N GLU C 103 -62.51 5.77 -24.55
CA GLU C 103 -62.42 5.20 -23.22
C GLU C 103 -61.00 4.73 -22.95
N ILE C 104 -60.31 4.31 -24.00
CA ILE C 104 -58.90 3.96 -23.88
C ILE C 104 -58.09 5.22 -23.61
N ILE C 105 -58.46 6.28 -24.32
CA ILE C 105 -57.76 7.55 -24.22
C ILE C 105 -57.98 8.20 -22.83
N ARG C 106 -59.17 8.06 -22.30
CA ARG C 106 -59.46 8.56 -20.96
C ARG C 106 -58.60 7.87 -19.91
N LYS C 107 -58.51 6.54 -19.99
CA LYS C 107 -57.73 5.74 -19.04
C LYS C 107 -56.25 5.91 -19.25
N HIS C 108 -55.84 6.19 -20.49
CA HIS C 108 -54.43 6.48 -20.76
C HIS C 108 -53.98 7.77 -20.07
N ILE C 109 -54.83 8.79 -20.14
CA ILE C 109 -54.59 10.09 -19.50
C ILE C 109 -54.55 9.90 -17.98
N ARG C 110 -55.54 9.18 -17.45
CA ARG C 110 -55.64 8.85 -16.04
C ARG C 110 -54.39 8.10 -15.53
N MET C 111 -53.83 7.25 -16.38
CA MET C 111 -52.58 6.56 -16.10
C MET C 111 -51.39 7.52 -16.00
N HIS C 112 -51.39 8.57 -16.83
CA HIS C 112 -50.37 9.62 -16.73
C HIS C 112 -50.55 10.47 -15.47
N ILE C 113 -51.81 10.70 -15.07
CA ILE C 113 -52.11 11.22 -13.73
C ILE C 113 -51.43 10.35 -12.67
N LYS C 114 -51.71 9.05 -12.69
CA LYS C 114 -51.05 8.13 -11.74
C LYS C 114 -49.54 8.32 -11.74
N ALA C 115 -48.97 8.50 -12.95
CA ALA C 115 -47.53 8.65 -13.13
C ALA C 115 -46.99 10.05 -12.84
N ASN C 116 -47.91 11.03 -12.72
CA ASN C 116 -47.55 12.44 -12.54
C ASN C 116 -46.83 13.02 -13.76
N VAL C 117 -47.06 12.39 -14.93
CA VAL C 117 -46.40 12.78 -16.16
C VAL C 117 -47.34 13.70 -16.92
N GLY C 118 -46.89 14.94 -17.15
CA GLY C 118 -47.75 15.97 -17.70
C GLY C 118 -47.65 16.16 -19.20
N VAL C 119 -46.62 15.59 -19.81
CA VAL C 119 -46.48 15.70 -21.27
C VAL C 119 -46.45 14.32 -21.92
N LEU C 120 -47.21 14.16 -23.00
CA LEU C 120 -47.18 13.00 -23.86
C LEU C 120 -46.62 13.49 -25.20
N SER C 121 -45.58 12.82 -25.69
CA SER C 121 -45.11 13.05 -27.07
C SER C 121 -45.60 11.94 -27.97
N VAL C 122 -46.60 12.26 -28.80
CA VAL C 122 -47.21 11.28 -29.70
C VAL C 122 -46.45 11.08 -31.03
N THR C 123 -46.39 9.81 -31.45
CA THR C 123 -45.84 9.43 -32.72
C THR C 123 -46.59 10.09 -33.87
N TRP C 124 -45.81 10.60 -34.82
CA TRP C 124 -46.32 11.43 -35.88
C TRP C 124 -45.68 11.04 -37.21
N TRP C 125 -46.45 10.37 -38.06
CA TRP C 125 -45.95 9.78 -39.31
C TRP C 125 -46.29 10.67 -40.53
N GLY C 126 -46.28 11.98 -40.31
CA GLY C 126 -46.44 12.96 -41.37
C GLY C 126 -47.85 13.02 -41.91
N GLU C 127 -47.95 13.47 -43.17
CA GLU C 127 -49.21 13.62 -43.90
C GLU C 127 -50.25 12.54 -43.65
N SER C 128 -49.83 11.28 -43.63
CA SER C 128 -50.75 10.17 -43.37
C SER C 128 -51.54 10.29 -42.07
N ASP C 129 -50.97 11.00 -41.08
CA ASP C 129 -51.63 11.24 -39.79
C ASP C 129 -52.44 12.54 -39.75
N TYR C 130 -52.54 13.25 -40.88
CA TYR C 130 -53.32 14.50 -40.93
C TYR C 130 -54.76 14.19 -40.61
N GLY C 131 -55.38 15.01 -39.75
CA GLY C 131 -56.75 14.74 -39.30
C GLY C 131 -56.88 13.35 -38.69
N ASN C 132 -55.89 12.94 -37.91
CA ASN C 132 -55.98 11.71 -37.16
C ASN C 132 -56.94 11.91 -36.02
N GLN C 133 -57.93 11.03 -35.90
CA GLN C 133 -58.93 11.12 -34.82
C GLN C 133 -58.42 10.83 -33.41
N SER C 134 -57.28 10.15 -33.28
CA SER C 134 -56.78 9.86 -31.95
C SER C 134 -56.01 11.04 -31.34
N VAL C 135 -55.45 11.89 -32.19
CA VAL C 135 -54.70 13.04 -31.68
C VAL C 135 -55.68 14.08 -31.15
N SER C 136 -56.87 14.13 -31.72
CA SER C 136 -57.87 15.08 -31.26
C SER C 136 -58.51 14.58 -29.99
N LEU C 137 -58.64 13.26 -29.86
CA LEU C 137 -59.04 12.64 -28.61
C LEU C 137 -57.98 12.86 -27.54
N LEU C 138 -56.71 12.71 -27.90
CA LEU C 138 -55.64 12.82 -26.90
C LEU C 138 -55.59 14.24 -26.38
N LEU C 139 -55.67 15.21 -27.30
CA LEU C 139 -55.76 16.61 -26.92
C LEU C 139 -56.94 16.89 -25.96
N ASP C 140 -58.18 16.58 -26.36
CA ASP C 140 -59.37 16.92 -25.55
C ASP C 140 -59.38 16.30 -24.14
N GLU C 141 -59.05 15.02 -24.04
CA GLU C 141 -58.94 14.34 -22.72
C GLU C 141 -57.79 14.89 -21.89
N ALA C 142 -56.69 15.26 -22.57
CA ALA C 142 -55.52 15.85 -21.92
C ALA C 142 -55.85 17.22 -21.33
N ALA C 143 -56.83 17.89 -21.92
CA ALA C 143 -57.28 19.20 -21.43
C ALA C 143 -58.24 19.01 -20.26
N LYS C 144 -58.83 17.82 -20.16
CA LYS C 144 -59.76 17.56 -19.06
C LYS C 144 -59.06 17.62 -17.73
N VAL C 145 -57.78 17.24 -17.71
CA VAL C 145 -57.00 17.05 -16.49
C VAL C 145 -55.76 17.93 -16.43
N GLY C 146 -55.46 18.67 -17.49
CA GLY C 146 -54.31 19.56 -17.48
C GLY C 146 -53.03 18.95 -18.04
N ALA C 147 -53.11 17.73 -18.59
CA ALA C 147 -51.94 17.12 -19.24
C ALA C 147 -51.69 17.78 -20.58
N LYS C 148 -50.45 17.72 -21.07
CA LYS C 148 -50.09 18.34 -22.34
C LYS C 148 -49.73 17.30 -23.40
N VAL C 149 -49.61 17.77 -24.65
CA VAL C 149 -49.32 16.87 -25.79
C VAL C 149 -48.35 17.55 -26.75
N CYS C 150 -47.26 16.85 -27.10
CA CYS C 150 -46.28 17.35 -28.04
C CYS C 150 -45.97 16.26 -29.07
N PHE C 151 -45.29 16.61 -30.16
CA PHE C 151 -45.13 15.66 -31.25
C PHE C 151 -43.73 15.10 -31.49
N HIS C 152 -43.71 13.80 -31.81
CA HIS C 152 -42.52 13.03 -32.09
C HIS C 152 -42.54 12.74 -33.61
N ILE C 153 -41.66 13.44 -34.32
CA ILE C 153 -41.63 13.39 -35.76
C ILE C 153 -40.78 12.22 -36.20
N GLU C 154 -41.44 11.23 -36.80
CA GLU C 154 -40.83 9.95 -37.16
C GLU C 154 -40.35 10.01 -38.62
N PRO C 155 -39.42 9.10 -39.00
CA PRO C 155 -38.86 9.09 -40.34
C PRO C 155 -39.84 8.54 -41.36
N PHE C 156 -40.88 9.33 -41.62
CA PHE C 156 -41.94 8.95 -42.53
C PHE C 156 -41.45 9.05 -43.97
N ASN C 157 -42.25 8.54 -44.91
CA ASN C 157 -41.79 8.42 -46.29
C ASN C 157 -41.55 9.79 -46.86
N GLY C 158 -40.34 10.00 -47.37
CA GLY C 158 -40.00 11.25 -48.06
C GLY C 158 -39.68 12.42 -47.15
N ARG C 159 -39.37 12.15 -45.89
CA ARG C 159 -39.02 13.18 -44.89
C ARG C 159 -37.75 13.98 -45.28
N SER C 160 -37.85 15.30 -45.14
CA SER C 160 -36.77 16.21 -45.52
C SER C 160 -37.00 17.53 -44.80
N PRO C 161 -36.01 18.42 -44.79
CA PRO C 161 -36.24 19.78 -44.29
C PRO C 161 -37.62 20.40 -44.65
N GLN C 162 -37.96 20.49 -45.93
CA GLN C 162 -39.24 21.06 -46.36
C GLN C 162 -40.43 20.26 -45.81
N THR C 163 -40.42 18.93 -45.94
CA THR C 163 -41.60 18.17 -45.55
C THR C 163 -41.91 18.33 -44.06
N VAL C 164 -40.87 18.23 -43.24
CA VAL C 164 -40.98 18.55 -41.81
C VAL C 164 -41.57 19.92 -41.54
N ARG C 165 -41.01 20.97 -42.16
CA ARG C 165 -41.53 22.33 -41.96
C ARG C 165 -43.03 22.34 -42.24
N GLU C 166 -43.45 21.54 -43.22
CA GLU C 166 -44.85 21.49 -43.64
C GLU C 166 -45.65 20.79 -42.58
N ASN C 167 -45.02 19.86 -41.85
CA ASN C 167 -45.69 19.17 -40.75
C ASN C 167 -45.76 19.98 -39.48
N ILE C 168 -44.73 20.81 -39.26
CA ILE C 168 -44.75 21.81 -38.20
C ILE C 168 -45.84 22.85 -38.49
N GLN C 169 -46.02 23.20 -39.77
CA GLN C 169 -47.06 24.15 -40.16
C GLN C 169 -48.44 23.58 -39.94
N TYR C 170 -48.66 22.33 -40.32
CA TYR C 170 -49.97 21.66 -40.11
C TYR C 170 -50.28 21.49 -38.63
N ILE C 171 -49.28 21.05 -37.87
CA ILE C 171 -49.43 20.77 -36.45
C ILE C 171 -49.78 22.03 -35.66
N VAL C 172 -49.03 23.11 -35.90
CA VAL C 172 -49.29 24.38 -35.20
C VAL C 172 -50.58 25.08 -35.68
N ASP C 173 -50.85 25.07 -36.98
CA ASP C 173 -52.09 25.68 -37.50
C ASP C 173 -53.33 25.01 -36.95
N THR C 174 -53.23 23.71 -36.71
CA THR C 174 -54.39 22.87 -36.42
C THR C 174 -54.53 22.55 -34.94
N TYR C 175 -53.40 22.53 -34.22
CA TYR C 175 -53.40 22.05 -32.83
C TYR C 175 -52.86 23.09 -31.88
N GLY C 176 -52.20 24.10 -32.42
CA GLY C 176 -51.49 25.10 -31.65
C GLY C 176 -52.29 25.88 -30.62
N ASP C 177 -53.54 26.17 -30.94
CA ASP C 177 -54.41 26.96 -30.08
C ASP C 177 -55.22 26.09 -29.13
N HIS C 178 -54.94 24.79 -29.13
CA HIS C 178 -55.68 23.88 -28.25
C HIS C 178 -55.10 24.04 -26.84
N PRO C 179 -55.98 24.14 -25.82
CA PRO C 179 -55.42 24.33 -24.48
C PRO C 179 -54.46 23.22 -24.03
N ALA C 180 -54.60 22.01 -24.56
CA ALA C 180 -53.68 20.90 -24.21
C ALA C 180 -52.38 20.85 -25.04
N PHE C 181 -52.17 21.81 -25.95
CA PHE C 181 -50.95 21.81 -26.78
C PHE C 181 -49.74 22.26 -25.96
N TYR C 182 -48.72 21.42 -25.94
CA TYR C 182 -47.56 21.63 -25.08
C TYR C 182 -46.74 22.83 -25.51
N ARG C 183 -46.42 23.69 -24.54
CA ARG C 183 -45.41 24.72 -24.72
C ARG C 183 -44.51 24.79 -23.49
N THR C 184 -43.21 24.96 -23.69
CA THR C 184 -42.30 25.19 -22.59
C THR C 184 -41.49 26.43 -22.91
N HIS C 185 -41.50 27.41 -22.00
CA HIS C 185 -40.83 28.69 -22.23
C HIS C 185 -41.30 29.27 -23.56
N GLY C 186 -42.62 29.53 -23.67
CA GLY C 186 -43.20 30.10 -24.90
C GLY C 186 -43.37 29.21 -26.11
N LYS C 187 -42.77 28.02 -26.11
CA LYS C 187 -42.61 27.25 -27.36
C LYS C 187 -43.00 25.78 -27.33
N PRO C 188 -43.55 25.27 -28.46
CA PRO C 188 -43.82 23.84 -28.62
C PRO C 188 -42.53 23.03 -28.76
N LEU C 189 -42.49 21.86 -28.15
CA LEU C 189 -41.32 21.02 -28.21
C LEU C 189 -41.51 19.94 -29.29
N PHE C 190 -40.49 19.74 -30.14
CA PHE C 190 -40.55 18.68 -31.17
C PHE C 190 -39.40 17.68 -31.05
N PHE C 191 -39.73 16.39 -31.03
CA PHE C 191 -38.73 15.33 -31.10
C PHE C 191 -38.67 14.91 -32.55
N ILE C 192 -37.47 14.59 -33.02
CA ILE C 192 -37.25 14.20 -34.42
C ILE C 192 -36.49 12.87 -34.40
N TYR C 193 -37.24 11.79 -34.48
CA TYR C 193 -36.68 10.44 -34.44
C TYR C 193 -35.77 10.22 -35.62
N ASP C 194 -34.60 9.63 -35.34
CA ASP C 194 -33.59 9.32 -36.35
C ASP C 194 -33.28 10.53 -37.23
N SER C 195 -33.09 11.69 -36.61
CA SER C 195 -32.83 12.92 -37.37
C SER C 195 -31.58 12.84 -38.29
N TYR C 196 -30.72 11.84 -38.07
CA TYR C 196 -29.43 11.69 -38.79
C TYR C 196 -29.52 11.07 -40.19
N LEU C 197 -30.73 10.71 -40.62
CA LEU C 197 -30.94 10.40 -42.03
C LEU C 197 -30.81 11.70 -42.84
N ILE C 198 -31.14 12.83 -42.21
CA ILE C 198 -30.94 14.14 -42.81
C ILE C 198 -29.61 14.72 -42.31
N LYS C 199 -28.86 15.35 -43.22
CA LYS C 199 -27.54 15.87 -42.88
C LYS C 199 -27.64 17.13 -42.00
N PRO C 200 -26.69 17.32 -41.07
CA PRO C 200 -26.73 18.50 -40.20
C PRO C 200 -26.74 19.87 -40.87
N ALA C 201 -26.10 20.05 -42.02
CA ALA C 201 -26.19 21.32 -42.78
C ALA C 201 -27.55 21.49 -43.49
N GLU C 202 -28.31 20.41 -43.58
CA GLU C 202 -29.61 20.47 -44.26
C GLU C 202 -30.75 20.87 -43.35
N TRP C 203 -30.69 20.40 -42.10
CA TRP C 203 -31.54 20.90 -41.04
C TRP C 203 -31.37 22.42 -40.85
N ALA C 204 -30.12 22.87 -40.72
CA ALA C 204 -29.81 24.29 -40.57
C ALA C 204 -30.72 25.15 -41.45
N LYS C 205 -30.88 24.76 -42.71
CA LYS C 205 -31.75 25.49 -43.66
C LYS C 205 -33.16 25.72 -43.14
N LEU C 206 -33.57 24.86 -42.22
CA LEU C 206 -34.87 24.97 -41.57
C LEU C 206 -34.66 25.57 -40.18
N PHE C 207 -33.49 25.31 -39.59
CA PHE C 207 -33.28 25.68 -38.18
C PHE C 207 -32.37 26.91 -37.94
N ALA C 208 -31.52 27.28 -38.90
CA ALA C 208 -30.71 28.50 -38.72
C ALA C 208 -31.55 29.75 -38.91
N ALA C 209 -31.22 30.75 -38.08
CA ALA C 209 -31.82 32.08 -38.16
C ALA C 209 -31.78 32.68 -39.58
N GLY C 210 -30.74 32.38 -40.34
CA GLY C 210 -30.68 32.76 -41.75
C GLY C 210 -30.88 31.61 -42.75
N GLY C 211 -31.55 30.54 -42.31
CA GLY C 211 -31.86 29.42 -43.18
C GLY C 211 -32.89 29.82 -44.21
N GLU C 212 -32.76 29.28 -45.41
CA GLU C 212 -33.60 29.64 -46.58
C GLU C 212 -35.06 29.27 -46.37
N ILE C 213 -35.30 28.18 -45.65
CA ILE C 213 -36.64 27.80 -45.23
C ILE C 213 -36.77 27.89 -43.70
N SER C 214 -35.92 28.69 -43.05
CA SER C 214 -36.02 28.88 -41.58
C SER C 214 -37.44 29.02 -41.01
N VAL C 215 -37.73 28.31 -39.90
CA VAL C 215 -38.92 28.59 -39.08
C VAL C 215 -38.62 29.52 -37.89
N ARG C 216 -37.37 29.97 -37.75
CA ARG C 216 -37.01 30.89 -36.69
C ARG C 216 -37.63 32.25 -36.88
N ASN C 217 -38.12 32.83 -35.80
CA ASN C 217 -38.69 34.17 -35.80
C ASN C 217 -39.98 34.18 -36.63
N THR C 218 -40.59 33.00 -36.75
CA THR C 218 -41.90 32.86 -37.38
C THR C 218 -42.84 32.26 -36.36
N LYS C 219 -44.13 32.35 -36.64
CA LYS C 219 -45.13 31.68 -35.77
C LYS C 219 -44.86 30.19 -35.58
N TYR C 220 -44.08 29.59 -36.48
CA TYR C 220 -43.79 28.14 -36.47
C TYR C 220 -42.49 27.77 -35.73
N ASP C 221 -41.95 28.70 -34.95
CA ASP C 221 -40.76 28.40 -34.16
C ASP C 221 -41.09 27.55 -32.95
N GLY C 222 -40.09 26.83 -32.47
CA GLY C 222 -40.26 25.94 -31.35
C GLY C 222 -38.90 25.47 -30.91
N LEU C 223 -38.87 24.29 -30.29
CA LEU C 223 -37.61 23.71 -29.85
C LEU C 223 -37.51 22.34 -30.49
N PHE C 224 -36.43 22.14 -31.22
CA PHE C 224 -36.31 20.96 -32.05
C PHE C 224 -35.19 20.05 -31.60
N ILE C 225 -35.61 18.88 -31.13
CA ILE C 225 -34.76 17.91 -30.47
C ILE C 225 -34.41 16.76 -31.41
N GLY C 226 -33.13 16.68 -31.77
CA GLY C 226 -32.66 15.61 -32.63
C GLY C 226 -32.11 14.45 -31.84
N LEU C 227 -32.22 13.26 -32.43
CA LEU C 227 -31.72 12.07 -31.81
C LEU C 227 -30.20 12.02 -31.95
N THR C 228 -29.51 11.96 -30.80
CA THR C 228 -28.08 11.63 -30.79
C THR C 228 -27.83 10.16 -30.43
N LEU C 229 -26.83 9.60 -31.10
CA LEU C 229 -26.44 8.19 -30.97
C LEU C 229 -25.16 8.07 -30.17
N LYS C 230 -24.36 9.14 -30.14
CA LYS C 230 -23.12 9.14 -29.37
C LYS C 230 -22.60 10.54 -29.03
N GLU C 231 -21.86 10.60 -27.93
CA GLU C 231 -21.40 11.86 -27.35
C GLU C 231 -20.47 12.62 -28.28
N SER C 232 -19.70 11.88 -29.05
CA SER C 232 -18.73 12.49 -29.95
C SER C 232 -19.40 13.12 -31.20
N GLU C 233 -20.68 12.84 -31.41
CA GLU C 233 -21.39 13.37 -32.55
C GLU C 233 -22.37 14.49 -32.19
N LEU C 234 -22.23 15.02 -30.98
CA LEU C 234 -23.07 16.14 -30.53
C LEU C 234 -22.79 17.43 -31.33
N PRO C 235 -21.52 17.67 -31.72
CA PRO C 235 -21.25 18.79 -32.62
C PRO C 235 -22.31 18.98 -33.69
N ASP C 236 -22.81 17.88 -34.26
CA ASP C 236 -23.86 17.85 -35.28
C ASP C 236 -25.15 18.53 -34.90
N ILE C 237 -25.45 18.62 -33.61
CA ILE C 237 -26.68 19.26 -33.15
C ILE C 237 -26.52 20.76 -33.32
N GLU C 238 -25.32 21.25 -33.02
CA GLU C 238 -25.01 22.68 -33.18
C GLU C 238 -24.83 23.05 -34.66
N THR C 239 -24.53 22.05 -35.50
CA THR C 239 -24.45 22.26 -36.95
C THR C 239 -25.86 22.20 -37.51
N ALA C 240 -26.75 21.47 -36.84
CA ALA C 240 -28.13 21.33 -37.30
C ALA C 240 -28.94 22.52 -36.89
N CYS C 241 -28.38 23.29 -35.94
CA CYS C 241 -29.06 24.45 -35.35
C CYS C 241 -30.29 24.00 -34.58
N MET C 242 -30.24 22.76 -34.09
CA MET C 242 -31.25 22.25 -33.18
C MET C 242 -31.08 22.88 -31.81
N ASP C 243 -32.13 22.79 -30.99
CA ASP C 243 -32.09 23.28 -29.61
C ASP C 243 -31.69 22.20 -28.64
N GLY C 244 -31.80 20.95 -29.04
CA GLY C 244 -31.51 19.91 -28.08
C GLY C 244 -31.32 18.52 -28.62
N PHE C 245 -31.12 17.60 -27.70
CA PHE C 245 -30.92 16.22 -28.10
C PHE C 245 -31.55 15.25 -27.12
N TYR C 246 -31.94 14.08 -27.62
CA TYR C 246 -32.42 12.98 -26.81
C TYR C 246 -31.84 11.65 -27.32
N THR C 247 -31.96 10.61 -26.52
CA THR C 247 -31.28 9.36 -26.80
C THR C 247 -32.20 8.21 -27.20
N TYR C 248 -33.48 8.35 -26.88
CA TYR C 248 -34.54 7.34 -27.11
C TYR C 248 -34.44 5.96 -26.44
N PHE C 249 -33.36 5.24 -26.75
CA PHE C 249 -33.38 3.80 -26.52
C PHE C 249 -33.43 3.47 -25.04
N ALA C 250 -34.25 2.48 -24.71
CA ALA C 250 -34.53 2.15 -23.33
C ALA C 250 -33.55 1.08 -22.85
N ALA C 251 -32.74 0.60 -23.78
CA ALA C 251 -31.72 -0.43 -23.49
C ALA C 251 -30.37 0.21 -23.13
N THR C 252 -29.95 0.08 -21.88
CA THR C 252 -28.65 0.62 -21.48
C THR C 252 -27.53 0.16 -22.43
N GLY C 253 -26.67 1.09 -22.87
CA GLY C 253 -25.50 0.74 -23.66
C GLY C 253 -25.75 0.19 -25.06
N PHE C 254 -26.98 0.35 -25.56
CA PHE C 254 -27.28 -0.01 -26.94
C PHE C 254 -26.55 0.97 -27.87
N THR C 255 -26.51 2.25 -27.48
CA THR C 255 -25.63 3.25 -28.11
C THR C 255 -24.72 3.87 -27.05
N ASN C 256 -23.73 4.65 -27.48
CA ASN C 256 -22.96 5.47 -26.54
C ASN C 256 -23.84 6.50 -25.83
N ALA C 257 -24.76 7.15 -26.56
CA ALA C 257 -25.65 8.18 -25.98
C ALA C 257 -26.69 7.65 -24.98
N SER C 258 -26.99 6.36 -25.07
CA SER C 258 -27.95 5.75 -24.17
C SER C 258 -27.20 4.85 -23.20
N THR C 259 -25.93 5.18 -23.00
CA THR C 259 -25.16 4.69 -21.87
C THR C 259 -25.23 5.80 -20.83
N PRO C 260 -25.93 5.55 -19.70
CA PRO C 260 -26.23 6.56 -18.69
C PRO C 260 -25.01 7.18 -18.00
N ALA C 261 -23.95 6.38 -17.83
CA ALA C 261 -22.65 6.88 -17.34
C ALA C 261 -22.17 8.13 -18.09
N ASN C 262 -22.61 8.31 -19.32
CA ASN C 262 -22.13 9.46 -20.12
C ASN C 262 -22.94 10.72 -19.97
N TRP C 263 -24.07 10.62 -19.26
CA TRP C 263 -25.06 11.70 -19.22
C TRP C 263 -24.66 12.94 -18.42
N LYS C 264 -23.73 12.79 -17.48
CA LYS C 264 -23.19 13.98 -16.80
C LYS C 264 -22.44 14.85 -17.80
N SER C 265 -21.58 14.23 -18.60
CA SER C 265 -20.77 14.95 -19.58
C SER C 265 -21.54 15.43 -20.82
N MET C 266 -22.68 14.81 -21.13
CA MET C 266 -23.54 15.29 -22.23
C MET C 266 -24.37 16.53 -21.80
N GLN C 267 -24.86 16.49 -20.55
CA GLN C 267 -25.41 17.64 -19.87
C GLN C 267 -24.34 18.74 -19.64
N GLN C 268 -23.12 18.34 -19.30
CA GLN C 268 -21.98 19.27 -19.27
C GLN C 268 -21.77 19.91 -20.65
N TRP C 269 -21.93 19.12 -21.71
CA TRP C 269 -21.85 19.63 -23.08
C TRP C 269 -23.04 20.50 -23.50
N ALA C 270 -24.25 20.11 -23.11
CA ALA C 270 -25.46 20.87 -23.46
C ALA C 270 -25.51 22.26 -22.84
N LYS C 271 -25.29 22.36 -21.53
CA LYS C 271 -25.25 23.66 -20.86
C LYS C 271 -24.15 24.52 -21.47
N ALA C 272 -22.99 23.91 -21.71
CA ALA C 272 -21.89 24.55 -22.44
C ALA C 272 -22.31 25.19 -23.76
N HIS C 273 -23.13 24.49 -24.54
CA HIS C 273 -23.46 24.97 -25.89
C HIS C 273 -24.92 25.33 -26.07
N ASN C 274 -25.52 25.90 -25.03
CA ASN C 274 -26.90 26.40 -25.08
C ASN C 274 -27.92 25.49 -25.83
N LYS C 275 -27.93 24.23 -25.39
CA LYS C 275 -28.83 23.22 -25.93
C LYS C 275 -29.54 22.58 -24.76
N LEU C 276 -30.73 22.03 -25.02
CA LEU C 276 -31.46 21.29 -24.01
C LEU C 276 -31.20 19.79 -24.17
N PHE C 277 -30.77 19.14 -23.08
CA PHE C 277 -30.43 17.71 -23.11
C PHE C 277 -31.57 16.91 -22.52
N ILE C 278 -32.29 16.17 -23.36
CA ILE C 278 -33.38 15.29 -22.88
C ILE C 278 -33.00 13.80 -22.87
N PRO C 279 -32.45 13.29 -21.75
CA PRO C 279 -32.22 11.84 -21.71
C PRO C 279 -33.52 11.05 -21.79
N SER C 280 -33.42 9.81 -22.28
CA SER C 280 -34.56 8.89 -22.32
C SER C 280 -34.33 7.70 -21.40
N VAL C 281 -35.33 7.44 -20.55
CA VAL C 281 -35.25 6.39 -19.56
C VAL C 281 -36.30 5.33 -19.87
N GLY C 282 -35.95 4.05 -19.67
CA GLY C 282 -36.91 2.96 -19.87
C GLY C 282 -36.91 1.86 -18.80
N PRO C 283 -38.05 1.17 -18.65
CA PRO C 283 -38.21 0.15 -17.63
C PRO C 283 -37.50 -1.17 -17.95
N GLY C 284 -37.04 -1.29 -19.19
CA GLY C 284 -36.34 -2.45 -19.71
C GLY C 284 -36.52 -2.42 -21.22
N TYR C 285 -36.10 -3.51 -21.85
CA TYR C 285 -36.33 -3.76 -23.26
C TYR C 285 -36.50 -5.26 -23.43
N ILE C 286 -37.51 -5.66 -24.21
CA ILE C 286 -37.59 -6.97 -24.88
C ILE C 286 -38.53 -6.95 -26.12
N ASP C 287 -38.02 -7.40 -27.27
CA ASP C 287 -38.81 -7.43 -28.50
C ASP C 287 -38.73 -8.78 -29.23
N THR C 288 -38.18 -9.80 -28.57
CA THR C 288 -37.94 -11.10 -29.23
C THR C 288 -39.16 -11.74 -29.94
N ARG C 289 -40.37 -11.46 -29.47
CA ARG C 289 -41.58 -12.02 -30.10
C ARG C 289 -41.83 -11.46 -31.51
N ILE C 290 -41.26 -10.30 -31.81
CA ILE C 290 -41.26 -9.78 -33.19
C ILE C 290 -39.86 -9.81 -33.80
N ARG C 291 -38.85 -9.97 -32.94
CA ARG C 291 -37.46 -9.98 -33.39
C ARG C 291 -36.60 -11.07 -32.71
N PRO C 292 -36.86 -12.35 -33.01
CA PRO C 292 -36.14 -13.43 -32.27
C PRO C 292 -34.61 -13.44 -32.36
N TRP C 293 -34.04 -12.70 -33.30
CA TRP C 293 -32.61 -12.58 -33.38
C TRP C 293 -32.07 -11.54 -32.41
N ASN C 294 -32.95 -10.65 -31.93
CA ASN C 294 -32.55 -9.40 -31.24
C ASN C 294 -32.48 -9.61 -29.71
N GLY C 295 -32.12 -10.81 -29.29
CA GLY C 295 -31.91 -11.10 -27.86
C GLY C 295 -30.90 -10.23 -27.13
N SER C 296 -29.90 -9.71 -27.87
CA SER C 296 -28.84 -8.87 -27.25
C SER C 296 -29.31 -7.47 -26.86
N THR C 297 -30.46 -7.06 -27.36
CA THR C 297 -31.02 -5.75 -27.03
C THR C 297 -31.87 -5.85 -25.76
N THR C 298 -32.34 -7.07 -25.47
CA THR C 298 -33.11 -7.42 -24.26
C THR C 298 -32.41 -6.98 -22.98
N ARG C 299 -33.16 -6.28 -22.13
CA ARG C 299 -32.72 -5.97 -20.77
C ARG C 299 -33.84 -6.29 -19.79
N ASP C 300 -33.57 -7.23 -18.89
CA ASP C 300 -34.51 -7.64 -17.85
C ASP C 300 -34.88 -6.50 -16.90
N ARG C 301 -36.17 -6.43 -16.56
CA ARG C 301 -36.68 -5.40 -15.66
C ARG C 301 -36.19 -5.53 -14.21
N GLU C 302 -35.70 -6.73 -13.86
CA GLU C 302 -35.16 -7.04 -12.53
C GLU C 302 -36.05 -6.58 -11.39
N ASN C 303 -37.34 -6.90 -11.46
CA ASN C 303 -38.30 -6.56 -10.39
C ASN C 303 -38.24 -5.06 -10.09
N GLY C 304 -37.98 -4.26 -11.13
CA GLY C 304 -37.97 -2.81 -11.04
C GLY C 304 -36.63 -2.13 -10.88
N LYS C 305 -35.58 -2.87 -10.50
CA LYS C 305 -34.24 -2.28 -10.28
C LYS C 305 -33.57 -1.64 -11.53
N TYR C 306 -33.90 -2.12 -12.73
CA TYR C 306 -33.35 -1.51 -13.96
C TYR C 306 -33.92 -0.10 -14.17
N TYR C 307 -35.25 0.04 -14.16
CA TYR C 307 -35.90 1.34 -14.26
C TYR C 307 -35.36 2.32 -13.19
N ASP C 308 -35.30 1.85 -11.95
CA ASP C 308 -34.71 2.60 -10.84
C ASP C 308 -33.32 3.18 -11.15
N ASP C 309 -32.41 2.37 -11.68
CA ASP C 309 -31.02 2.79 -11.92
C ASP C 309 -30.91 3.76 -13.09
N MET C 310 -31.76 3.52 -14.08
CA MET C 310 -31.80 4.33 -15.27
C MET C 310 -32.44 5.70 -15.04
N TYR C 311 -33.53 5.72 -14.26
CA TYR C 311 -34.26 6.95 -13.97
C TYR C 311 -33.41 7.78 -13.02
N LYS C 312 -32.61 7.08 -12.21
CA LYS C 312 -31.67 7.68 -11.26
C LYS C 312 -30.59 8.53 -11.94
N ALA C 313 -29.83 7.94 -12.86
CA ALA C 313 -28.75 8.64 -13.59
C ALA C 313 -29.26 9.82 -14.44
N ALA C 314 -30.51 9.73 -14.87
CA ALA C 314 -31.10 10.83 -15.64
C ALA C 314 -31.23 12.08 -14.80
N ILE C 315 -31.73 11.89 -13.57
CA ILE C 315 -31.94 12.95 -12.59
C ILE C 315 -30.60 13.50 -12.08
N GLU C 316 -29.63 12.60 -11.92
CA GLU C 316 -28.35 13.01 -11.37
C GLU C 316 -27.45 13.63 -12.44
N SER C 317 -27.85 13.55 -13.70
CA SER C 317 -27.06 14.14 -14.78
C SER C 317 -27.16 15.67 -14.79
N GLY C 318 -28.24 16.21 -14.19
CA GLY C 318 -28.55 17.64 -14.24
C GLY C 318 -29.53 18.03 -15.36
N ALA C 319 -29.91 17.07 -16.19
CA ALA C 319 -30.88 17.31 -17.27
C ALA C 319 -32.10 18.06 -16.79
N SER C 320 -32.57 19.01 -17.58
CA SER C 320 -33.71 19.80 -17.17
C SER C 320 -35.03 19.15 -17.55
N TYR C 321 -34.96 18.21 -18.49
CA TYR C 321 -36.16 17.50 -18.97
C TYR C 321 -35.85 16.03 -19.02
N ILE C 322 -36.86 15.19 -18.80
CA ILE C 322 -36.68 13.73 -18.94
C ILE C 322 -37.78 13.11 -19.81
N SER C 323 -37.38 12.24 -20.73
CA SER C 323 -38.32 11.53 -21.62
C SER C 323 -38.48 10.06 -21.21
N ILE C 324 -39.72 9.57 -21.18
CA ILE C 324 -39.98 8.15 -20.84
C ILE C 324 -40.20 7.28 -22.08
N THR C 325 -39.26 6.35 -22.30
CA THR C 325 -39.38 5.36 -23.37
C THR C 325 -39.74 4.03 -22.73
N SER C 326 -41.03 3.72 -22.64
CA SER C 326 -42.12 4.45 -23.30
C SER C 326 -43.37 4.21 -22.47
N PHE C 327 -44.38 5.06 -22.64
CA PHE C 327 -45.70 4.73 -22.15
C PHE C 327 -46.17 3.40 -22.77
N ASN C 328 -46.22 3.32 -24.10
CA ASN C 328 -46.82 2.14 -24.77
C ASN C 328 -46.27 1.73 -26.13
N GLU C 329 -44.96 1.52 -26.18
CA GLU C 329 -44.44 0.83 -27.32
C GLU C 329 -44.38 -0.66 -26.94
N TRP C 330 -45.50 -1.35 -27.08
CA TRP C 330 -45.60 -2.75 -26.61
C TRP C 330 -44.70 -3.69 -27.40
N HIS C 331 -44.53 -3.44 -28.70
CA HIS C 331 -43.66 -4.25 -29.56
C HIS C 331 -42.24 -4.29 -29.04
N GLU C 332 -41.75 -3.14 -28.60
CA GLU C 332 -40.39 -3.08 -28.13
C GLU C 332 -40.25 -3.35 -26.67
N GLY C 333 -41.39 -3.59 -26.02
CA GLY C 333 -41.42 -4.05 -24.63
C GLY C 333 -40.75 -3.13 -23.63
N THR C 334 -40.81 -1.83 -23.93
CA THR C 334 -40.29 -0.75 -23.10
C THR C 334 -41.42 -0.09 -22.32
N GLN C 335 -42.65 -0.57 -22.53
CA GLN C 335 -43.84 0.10 -22.01
C GLN C 335 -43.95 0.17 -20.48
N ILE C 336 -44.42 1.31 -19.97
CA ILE C 336 -44.77 1.47 -18.57
C ILE C 336 -46.26 1.22 -18.26
N GLU C 337 -47.08 1.25 -19.32
CA GLU C 337 -48.52 0.85 -19.23
C GLU C 337 -48.75 -0.54 -18.58
N PRO C 338 -49.66 -0.60 -17.59
CA PRO C 338 -50.00 -1.87 -16.93
C PRO C 338 -50.20 -3.05 -17.88
N ALA C 339 -49.58 -4.17 -17.52
CA ALA C 339 -49.68 -5.42 -18.25
C ALA C 339 -50.23 -6.45 -17.26
N VAL C 340 -50.93 -7.47 -17.77
CA VAL C 340 -51.51 -8.58 -16.97
C VAL C 340 -50.87 -9.93 -17.31
N SER C 341 -51.01 -10.93 -16.43
CA SER C 341 -50.57 -12.30 -16.74
C SER C 341 -51.45 -12.93 -17.82
N LYS C 342 -50.83 -13.44 -18.88
CA LYS C 342 -51.54 -14.08 -19.99
C LYS C 342 -50.70 -15.21 -20.61
N LYS C 343 -51.38 -16.22 -21.12
CA LYS C 343 -50.73 -17.33 -21.81
C LYS C 343 -51.60 -17.69 -23.00
N CYS C 344 -51.05 -18.46 -23.93
CA CYS C 344 -51.84 -19.08 -24.99
C CYS C 344 -51.31 -20.47 -25.32
N ASP C 345 -51.96 -21.15 -26.26
CA ASP C 345 -51.54 -22.48 -26.68
C ASP C 345 -50.17 -22.46 -27.40
N ALA C 346 -49.55 -21.28 -27.50
CA ALA C 346 -48.22 -21.14 -28.13
C ALA C 346 -47.21 -20.37 -27.26
N PHE C 347 -47.61 -19.20 -26.76
CA PHE C 347 -46.72 -18.34 -25.98
C PHE C 347 -47.31 -17.94 -24.63
N GLU C 348 -46.49 -18.00 -23.59
CA GLU C 348 -46.89 -17.38 -22.33
C GLU C 348 -46.19 -16.02 -22.21
N TYR C 349 -47.01 -14.98 -22.09
CA TYR C 349 -46.53 -13.59 -22.03
C TYR C 349 -45.74 -13.36 -20.76
N LEU C 350 -44.85 -12.38 -20.79
CA LEU C 350 -44.20 -11.90 -19.57
C LEU C 350 -45.18 -10.96 -18.88
N ASP C 351 -44.98 -10.76 -17.60
CA ASP C 351 -45.82 -9.90 -16.79
C ASP C 351 -44.89 -9.12 -15.87
N TYR C 352 -45.46 -8.38 -14.91
CA TYR C 352 -44.68 -7.65 -13.93
C TYR C 352 -44.56 -8.38 -12.59
N LYS C 353 -45.25 -9.52 -12.44
CA LYS C 353 -45.14 -10.36 -11.23
C LYS C 353 -43.67 -10.40 -10.78
N PRO C 354 -43.39 -10.21 -9.48
CA PRO C 354 -44.33 -10.12 -8.36
C PRO C 354 -44.92 -8.73 -8.14
N LEU C 355 -44.65 -7.80 -9.04
CA LEU C 355 -45.09 -6.42 -8.84
C LEU C 355 -46.55 -6.25 -9.24
N ALA C 356 -47.11 -5.11 -8.85
CA ALA C 356 -48.49 -4.77 -9.17
C ALA C 356 -48.54 -4.41 -10.66
N ASP C 357 -49.76 -4.41 -11.21
CA ASP C 357 -49.95 -4.15 -12.62
C ASP C 357 -49.62 -2.71 -12.96
N ASP C 358 -50.02 -1.81 -12.08
CA ASP C 358 -49.75 -0.38 -12.21
C ASP C 358 -48.42 0.02 -11.56
N TYR C 359 -47.62 -0.96 -11.09
CA TYR C 359 -46.29 -0.66 -10.48
C TYR C 359 -45.44 0.36 -11.24
N TYR C 360 -45.42 0.26 -12.57
CA TYR C 360 -44.54 1.12 -13.37
C TYR C 360 -45.03 2.54 -13.48
N LEU C 361 -46.34 2.70 -13.46
CA LEU C 361 -46.96 4.01 -13.43
C LEU C 361 -46.74 4.68 -12.08
N ILE C 362 -46.78 3.90 -11.02
CA ILE C 362 -46.64 4.43 -9.66
C ILE C 362 -45.19 4.78 -9.35
N ARG C 363 -44.27 3.91 -9.73
CA ARG C 363 -42.85 4.19 -9.50
C ARG C 363 -42.35 5.31 -10.42
N THR C 364 -43.05 5.60 -11.51
CA THR C 364 -42.78 6.84 -12.25
C THR C 364 -43.13 8.12 -11.45
N ALA C 365 -44.30 8.15 -10.79
CA ALA C 365 -44.68 9.27 -9.93
C ALA C 365 -43.64 9.54 -8.85
N TYR C 366 -43.10 8.48 -8.27
CA TYR C 366 -41.98 8.57 -7.34
C TYR C 366 -40.70 9.20 -7.96
N TRP C 367 -40.27 8.69 -9.12
CA TRP C 367 -39.12 9.31 -9.81
C TRP C 367 -39.44 10.70 -10.37
N VAL C 368 -40.70 10.97 -10.66
CA VAL C 368 -41.10 12.30 -11.09
C VAL C 368 -40.95 13.21 -9.88
N ASP C 369 -41.43 12.73 -8.72
CA ASP C 369 -41.32 13.49 -7.49
C ASP C 369 -39.84 13.84 -7.20
N GLU C 370 -38.97 12.82 -7.18
CA GLU C 370 -37.51 13.02 -7.01
C GLU C 370 -36.93 14.00 -8.05
N PHE C 371 -37.43 13.91 -9.27
CA PHE C 371 -37.03 14.85 -10.32
C PHE C 371 -37.42 16.29 -9.96
N ARG C 372 -38.68 16.51 -9.62
CA ARG C 372 -39.15 17.85 -9.26
C ARG C 372 -38.34 18.40 -8.08
N LYS C 373 -38.28 17.63 -6.99
CA LYS C 373 -37.54 18.05 -5.79
C LYS C 373 -36.15 18.60 -6.15
N ALA C 374 -35.38 17.82 -6.90
CA ALA C 374 -34.06 18.23 -7.41
C ALA C 374 -34.03 19.49 -8.28
N ARG C 375 -34.99 19.65 -9.20
CA ARG C 375 -35.10 20.89 -10.00
C ARG C 375 -35.32 22.14 -9.14
N SER C 376 -36.24 22.05 -8.17
CA SER C 376 -36.45 23.10 -7.14
C SER C 376 -35.20 23.32 -6.27
N ALA C 377 -34.62 22.23 -5.78
CA ALA C 377 -33.33 22.32 -5.09
C ALA C 377 -32.27 23.07 -5.90
N SER C 378 -32.42 23.08 -7.22
CA SER C 378 -31.48 23.77 -8.11
C SER C 378 -31.92 25.21 -8.38
N THR D 37 50.60 -30.47 -8.90
CA THR D 37 49.96 -29.12 -9.02
C THR D 37 49.19 -28.72 -7.75
N LEU D 38 49.82 -27.85 -6.94
CA LEU D 38 49.26 -27.33 -5.66
C LEU D 38 48.78 -25.87 -5.77
N ASP D 39 47.72 -25.52 -5.02
CA ASP D 39 47.21 -24.15 -4.91
C ASP D 39 47.60 -23.55 -3.56
N ASP D 40 48.38 -22.47 -3.56
CA ASP D 40 48.79 -21.82 -2.31
C ASP D 40 47.78 -20.81 -1.75
N HIS D 41 46.52 -20.91 -2.20
CA HIS D 41 45.41 -20.05 -1.80
C HIS D 41 44.14 -20.90 -1.55
N THR D 42 44.33 -22.21 -1.41
CA THR D 42 43.24 -23.12 -1.04
C THR D 42 43.72 -23.81 0.24
N ILE D 43 42.97 -23.59 1.31
CA ILE D 43 43.29 -24.07 2.65
C ILE D 43 42.17 -25.01 3.08
N SER D 44 42.54 -26.18 3.58
CA SER D 44 41.56 -27.10 4.19
C SER D 44 41.74 -27.04 5.69
N PHE D 45 40.64 -27.16 6.41
CA PHE D 45 40.69 -27.31 7.84
C PHE D 45 41.07 -28.72 8.21
N TYR D 46 42.18 -28.83 8.93
CA TYR D 46 42.74 -30.13 9.28
C TYR D 46 42.66 -30.44 10.78
N TYR D 47 42.36 -31.69 11.14
CA TYR D 47 42.25 -32.07 12.56
C TYR D 47 43.16 -33.24 12.91
N ASN D 48 44.12 -32.95 13.78
CA ASN D 48 45.18 -33.86 14.18
C ASN D 48 44.96 -34.40 15.59
N TRP D 49 43.70 -34.65 15.94
CA TRP D 49 43.35 -35.05 17.29
C TRP D 49 42.93 -36.52 17.43
N TYR D 50 43.14 -37.33 16.39
CA TYR D 50 42.75 -38.75 16.47
C TYR D 50 43.88 -39.67 16.93
N GLY D 51 43.51 -40.76 17.59
CA GLY D 51 44.45 -41.78 18.06
C GLY D 51 43.74 -43.11 18.29
N ASN D 52 44.53 -44.17 18.37
CA ASN D 52 43.99 -45.50 18.64
C ASN D 52 44.95 -46.23 19.58
N PRO D 53 44.54 -47.40 20.11
CA PRO D 53 45.42 -48.15 21.00
C PRO D 53 46.73 -48.46 20.32
N SER D 54 46.65 -48.78 19.03
CA SER D 54 47.81 -49.26 18.25
C SER D 54 49.00 -48.30 18.14
N VAL D 55 48.79 -47.00 18.40
CA VAL D 55 49.87 -46.01 18.25
C VAL D 55 50.00 -45.06 19.44
N ASP D 56 48.89 -44.80 20.16
CA ASP D 56 48.87 -43.86 21.30
C ASP D 56 48.40 -44.52 22.59
N GLY D 57 48.33 -45.85 22.62
CA GLY D 57 47.90 -46.59 23.80
C GLY D 57 46.51 -46.28 24.33
N GLU D 58 45.65 -45.73 23.47
CA GLU D 58 44.22 -45.47 23.77
C GLU D 58 43.54 -44.85 22.55
N MET D 59 42.23 -45.11 22.39
CA MET D 59 41.44 -44.39 21.38
C MET D 59 41.35 -42.95 21.81
N LYS D 60 41.32 -42.04 20.84
CA LYS D 60 41.08 -40.62 21.09
C LYS D 60 40.13 -40.08 20.00
N HIS D 61 39.09 -39.36 20.41
CA HIS D 61 38.03 -38.85 19.53
C HIS D 61 37.19 -39.93 18.84
N TRP D 62 37.83 -40.84 18.11
CA TRP D 62 37.12 -41.94 17.44
C TRP D 62 36.03 -42.56 18.32
N ASP D 84 33.71 -51.73 15.93
CA ASP D 84 33.90 -50.60 15.02
C ASP D 84 32.81 -49.55 15.17
N ASP D 85 32.50 -49.26 16.43
CA ASP D 85 31.37 -48.42 16.83
C ASP D 85 31.82 -46.96 17.06
N ILE D 86 32.19 -46.27 15.97
CA ILE D 86 32.91 -44.98 16.10
C ILE D 86 32.03 -43.70 16.05
N ALA D 87 32.61 -42.58 16.49
CA ALA D 87 31.88 -41.31 16.74
C ALA D 87 31.61 -40.44 15.49
N CYS D 88 31.16 -41.07 14.42
CA CYS D 88 30.87 -40.38 13.15
C CYS D 88 29.68 -41.00 12.45
N ASN D 89 29.20 -40.32 11.41
CA ASN D 89 28.18 -40.90 10.55
C ASN D 89 28.79 -41.58 9.33
N PHE D 90 30.06 -41.28 9.05
CA PHE D 90 30.84 -41.89 7.95
C PHE D 90 32.01 -42.69 8.54
N TYR D 91 32.60 -43.58 7.73
CA TYR D 91 33.74 -44.43 8.18
C TYR D 91 34.96 -44.34 7.27
N PRO D 92 36.10 -43.89 7.82
CA PRO D 92 37.33 -43.63 7.05
C PRO D 92 37.80 -44.81 6.20
N GLU D 93 38.45 -44.50 5.07
CA GLU D 93 39.15 -45.50 4.29
C GLU D 93 40.42 -45.94 5.06
N LEU D 94 40.89 -45.08 5.94
CA LEU D 94 42.10 -45.38 6.75
C LEU D 94 41.80 -45.86 8.17
N GLY D 95 40.54 -46.19 8.43
CA GLY D 95 40.09 -46.73 9.71
C GLY D 95 40.19 -45.75 10.87
N THR D 96 40.18 -46.27 12.07
CA THR D 96 40.31 -45.42 13.24
C THR D 96 41.79 -45.21 13.44
N TYR D 97 42.32 -44.33 12.59
CA TYR D 97 43.74 -44.02 12.48
C TYR D 97 44.22 -43.01 13.52
N SER D 98 45.54 -42.86 13.61
CA SER D 98 46.18 -41.94 14.56
C SER D 98 46.92 -40.84 13.84
N SER D 99 46.75 -39.60 14.33
CA SER D 99 47.46 -38.44 13.81
C SER D 99 48.97 -38.52 14.08
N ASN D 100 49.37 -39.41 14.99
CA ASN D 100 50.79 -39.59 15.36
C ASN D 100 51.48 -40.72 14.58
N ASP D 101 50.70 -41.36 13.71
CA ASP D 101 51.18 -42.39 12.77
C ASP D 101 51.78 -41.67 11.57
N PRO D 102 53.11 -41.76 11.40
CA PRO D 102 53.72 -41.04 10.27
C PRO D 102 53.18 -41.43 8.89
N GLU D 103 52.74 -42.68 8.76
CA GLU D 103 52.22 -43.17 7.48
C GLU D 103 50.84 -42.53 7.15
N ILE D 104 50.02 -42.28 8.18
CA ILE D 104 48.71 -41.64 8.00
C ILE D 104 48.83 -40.19 7.57
N ILE D 105 49.81 -39.48 8.13
CA ILE D 105 50.09 -38.10 7.72
C ILE D 105 50.51 -38.04 6.24
N ARG D 106 51.61 -38.72 5.91
CA ARG D 106 52.07 -38.90 4.52
C ARG D 106 50.91 -39.20 3.58
N LYS D 107 50.06 -40.16 3.94
CA LYS D 107 48.84 -40.42 3.17
C LYS D 107 47.90 -39.21 3.10
N HIS D 108 47.70 -38.52 4.23
CA HIS D 108 46.83 -37.33 4.23
C HIS D 108 47.39 -36.31 3.24
N ILE D 109 48.71 -36.12 3.25
CA ILE D 109 49.42 -35.27 2.26
C ILE D 109 49.24 -35.79 0.82
N ARG D 110 49.30 -37.10 0.65
CA ARG D 110 49.01 -37.76 -0.62
C ARG D 110 47.67 -37.27 -1.17
N MET D 111 46.72 -37.07 -0.26
CA MET D 111 45.35 -36.74 -0.60
C MET D 111 45.22 -35.28 -0.95
N HIS D 112 46.10 -34.44 -0.37
CA HIS D 112 46.14 -33.00 -0.66
C HIS D 112 46.80 -32.73 -2.02
N ILE D 113 47.69 -33.65 -2.43
CA ILE D 113 48.21 -33.73 -3.80
C ILE D 113 47.08 -34.07 -4.77
N LYS D 114 46.33 -35.13 -4.47
CA LYS D 114 45.16 -35.52 -5.29
C LYS D 114 44.04 -34.46 -5.28
N ALA D 115 44.08 -33.53 -4.33
CA ALA D 115 43.03 -32.53 -4.16
C ALA D 115 43.44 -31.15 -4.67
N ASN D 116 44.73 -31.01 -4.98
CA ASN D 116 45.36 -29.75 -5.41
C ASN D 116 45.33 -28.65 -4.35
N VAL D 117 44.97 -29.06 -3.14
CA VAL D 117 45.02 -28.20 -2.00
C VAL D 117 46.47 -28.12 -1.51
N GLY D 118 46.98 -26.90 -1.41
CA GLY D 118 48.38 -26.69 -1.06
C GLY D 118 48.64 -26.34 0.39
N VAL D 119 47.61 -25.81 1.05
CA VAL D 119 47.71 -25.37 2.44
C VAL D 119 46.82 -26.20 3.36
N LEU D 120 47.35 -26.56 4.53
CA LEU D 120 46.60 -27.31 5.54
C LEU D 120 46.56 -26.41 6.75
N SER D 121 45.37 -26.24 7.33
CA SER D 121 45.26 -25.47 8.56
C SER D 121 44.92 -26.41 9.68
N VAL D 122 45.89 -26.66 10.54
CA VAL D 122 45.73 -27.57 11.64
C VAL D 122 45.09 -26.89 12.84
N THR D 123 44.16 -27.61 13.45
CA THR D 123 43.49 -27.14 14.67
C THR D 123 44.53 -26.98 15.77
N TRP D 124 44.40 -25.94 16.59
CA TRP D 124 45.43 -25.62 17.58
C TRP D 124 44.80 -25.32 18.93
N TRP D 125 45.22 -26.03 19.97
CA TRP D 125 44.50 -25.96 21.27
C TRP D 125 45.26 -25.28 22.41
N GLY D 126 46.24 -24.47 22.06
CA GLY D 126 46.95 -23.68 23.04
C GLY D 126 48.13 -24.44 23.59
N GLU D 127 48.57 -24.01 24.78
CA GLU D 127 49.74 -24.55 25.48
C GLU D 127 49.78 -26.08 25.53
N SER D 128 48.62 -26.71 25.69
CA SER D 128 48.55 -28.18 25.67
C SER D 128 49.00 -28.79 24.34
N ASP D 129 49.16 -27.95 23.31
CA ASP D 129 49.60 -28.41 21.98
C ASP D 129 51.07 -28.10 21.65
N TYR D 130 51.73 -27.28 22.46
CA TYR D 130 53.18 -27.07 22.32
C TYR D 130 53.87 -28.44 22.34
N GLY D 131 54.87 -28.63 21.48
CA GLY D 131 55.60 -29.91 21.44
C GLY D 131 54.76 -31.09 20.94
N ASN D 132 53.77 -30.77 20.12
CA ASN D 132 52.86 -31.74 19.53
C ASN D 132 53.55 -32.41 18.34
N GLN D 133 53.69 -33.74 18.44
CA GLN D 133 54.35 -34.54 17.43
C GLN D 133 53.61 -34.56 16.09
N SER D 134 52.28 -34.52 16.13
CA SER D 134 51.51 -34.57 14.89
C SER D 134 51.76 -33.33 14.02
N VAL D 135 52.02 -32.19 14.65
CA VAL D 135 52.37 -30.96 13.91
C VAL D 135 53.75 -31.07 13.25
N SER D 136 54.73 -31.55 14.01
CA SER D 136 56.09 -31.77 13.50
C SER D 136 56.14 -32.67 12.26
N LEU D 137 55.35 -33.75 12.26
CA LEU D 137 55.35 -34.71 11.16
C LEU D 137 54.62 -34.14 9.96
N LEU D 138 53.48 -33.52 10.23
CA LEU D 138 52.68 -32.82 9.23
C LEU D 138 53.50 -31.84 8.38
N LEU D 139 54.30 -31.01 9.02
CA LEU D 139 55.08 -30.00 8.31
C LEU D 139 56.18 -30.65 7.49
N ASP D 140 56.90 -31.59 8.11
CA ASP D 140 57.90 -32.42 7.47
C ASP D 140 57.39 -33.11 6.20
N GLU D 141 56.23 -33.76 6.32
CA GLU D 141 55.68 -34.53 5.21
C GLU D 141 55.26 -33.60 4.10
N ALA D 142 54.65 -32.47 4.48
CA ALA D 142 54.34 -31.39 3.55
C ALA D 142 55.60 -30.81 2.84
N ALA D 143 56.67 -30.62 3.60
CA ALA D 143 57.89 -30.06 3.03
C ALA D 143 58.41 -30.90 1.86
N LYS D 144 58.27 -32.22 1.98
CA LYS D 144 58.67 -33.14 0.90
C LYS D 144 58.06 -32.79 -0.45
N VAL D 145 56.77 -32.49 -0.47
CA VAL D 145 56.05 -32.27 -1.74
C VAL D 145 55.67 -30.82 -2.02
N GLY D 146 55.90 -29.93 -1.06
CA GLY D 146 55.63 -28.50 -1.29
C GLY D 146 54.31 -28.02 -0.72
N ALA D 147 53.64 -28.85 0.07
CA ALA D 147 52.46 -28.42 0.80
C ALA D 147 52.89 -27.49 1.94
N LYS D 148 51.93 -26.77 2.53
CA LYS D 148 52.26 -25.85 3.61
C LYS D 148 51.22 -26.02 4.73
N VAL D 149 51.66 -25.98 5.99
CA VAL D 149 50.72 -25.95 7.13
C VAL D 149 50.60 -24.55 7.77
N CYS D 150 49.37 -24.06 7.91
CA CYS D 150 49.08 -22.93 8.79
C CYS D 150 48.29 -23.41 10.00
N PHE D 151 47.78 -22.47 10.78
CA PHE D 151 47.28 -22.81 12.11
C PHE D 151 45.91 -22.22 12.33
N HIS D 152 45.04 -23.04 12.89
CA HIS D 152 43.65 -22.73 13.17
C HIS D 152 43.50 -22.62 14.68
N ILE D 153 43.53 -21.38 15.17
CA ILE D 153 43.55 -21.11 16.62
C ILE D 153 42.15 -21.29 17.18
N GLU D 154 42.03 -22.27 18.07
CA GLU D 154 40.75 -22.68 18.64
C GLU D 154 40.49 -22.05 19.99
N PRO D 155 39.25 -22.20 20.52
CA PRO D 155 38.86 -21.61 21.80
C PRO D 155 39.36 -22.37 23.04
N PHE D 156 40.67 -22.60 23.14
CA PHE D 156 41.24 -23.33 24.27
C PHE D 156 41.01 -22.61 25.59
N ASN D 157 40.92 -23.35 26.68
CA ASN D 157 40.67 -22.78 28.01
C ASN D 157 41.46 -21.47 28.26
N GLY D 158 40.77 -20.43 28.73
CA GLY D 158 41.39 -19.13 29.06
C GLY D 158 42.04 -18.35 27.92
N ARG D 159 41.54 -18.57 26.70
CA ARG D 159 42.08 -17.93 25.50
C ARG D 159 41.83 -16.42 25.50
N SER D 160 42.91 -15.65 25.50
CA SER D 160 42.80 -14.19 25.61
C SER D 160 43.72 -13.50 24.60
N PRO D 161 43.59 -12.18 24.43
CA PRO D 161 44.61 -11.53 23.59
C PRO D 161 46.03 -11.83 24.10
N GLN D 162 46.26 -11.78 25.41
CA GLN D 162 47.58 -12.18 25.91
C GLN D 162 47.94 -13.63 25.56
N THR D 163 47.07 -14.60 25.87
CA THR D 163 47.45 -16.01 25.61
C THR D 163 47.57 -16.35 24.12
N VAL D 164 46.75 -15.71 23.28
CA VAL D 164 46.84 -15.87 21.82
C VAL D 164 48.22 -15.42 21.32
N ARG D 165 48.57 -14.16 21.58
CA ARG D 165 49.90 -13.64 21.29
C ARG D 165 50.99 -14.59 21.78
N GLU D 166 50.87 -15.11 23.01
CA GLU D 166 51.79 -16.14 23.50
C GLU D 166 51.86 -17.35 22.54
N ASN D 167 50.70 -17.76 22.03
CA ASN D 167 50.62 -18.88 21.10
C ASN D 167 51.19 -18.58 19.70
N ILE D 168 50.99 -17.35 19.24
CA ILE D 168 51.60 -16.89 17.99
C ILE D 168 53.11 -16.93 18.19
N GLN D 169 53.53 -16.58 19.39
CA GLN D 169 54.93 -16.51 19.71
C GLN D 169 55.49 -17.90 19.64
N TYR D 170 54.83 -18.85 20.31
CA TYR D 170 55.36 -20.22 20.35
C TYR D 170 55.41 -20.82 18.97
N ILE D 171 54.34 -20.57 18.18
CA ILE D 171 54.16 -21.15 16.83
C ILE D 171 55.22 -20.66 15.85
N VAL D 172 55.47 -19.35 15.87
CA VAL D 172 56.43 -18.77 14.96
C VAL D 172 57.82 -19.25 15.41
N ASP D 173 58.12 -19.10 16.70
CA ASP D 173 59.41 -19.53 17.27
C ASP D 173 59.75 -21.00 17.06
N THR D 174 58.74 -21.85 16.90
CA THR D 174 58.96 -23.28 16.72
C THR D 174 58.81 -23.71 15.26
N TYR D 175 57.77 -23.24 14.58
CA TYR D 175 57.47 -23.77 13.25
C TYR D 175 57.80 -22.81 12.11
N GLY D 176 58.10 -21.56 12.46
CA GLY D 176 58.30 -20.49 11.47
C GLY D 176 59.52 -20.50 10.56
N ASP D 177 60.52 -21.32 10.88
CA ASP D 177 61.70 -21.49 10.00
C ASP D 177 61.56 -22.73 9.13
N HIS D 178 60.52 -23.53 9.40
CA HIS D 178 60.21 -24.72 8.60
C HIS D 178 59.83 -24.30 7.18
N PRO D 179 60.38 -25.01 6.18
CA PRO D 179 60.09 -24.68 4.79
C PRO D 179 58.61 -24.92 4.45
N ALA D 180 58.00 -25.92 5.09
CA ALA D 180 56.57 -26.17 4.89
C ALA D 180 55.66 -25.19 5.63
N PHE D 181 56.25 -24.28 6.41
CA PHE D 181 55.45 -23.29 7.11
C PHE D 181 54.89 -22.20 6.17
N TYR D 182 53.59 -21.92 6.33
CA TYR D 182 52.82 -21.12 5.36
C TYR D 182 53.02 -19.61 5.41
N ARG D 183 53.29 -19.04 4.24
CA ARG D 183 53.35 -17.60 4.09
C ARG D 183 52.73 -17.22 2.78
N THR D 184 51.72 -16.37 2.86
CA THR D 184 51.18 -15.80 1.66
C THR D 184 51.57 -14.33 1.67
N HIS D 185 52.08 -13.86 0.54
CA HIS D 185 52.64 -12.51 0.40
C HIS D 185 53.39 -12.05 1.67
N GLY D 186 54.27 -12.91 2.15
CA GLY D 186 55.22 -12.57 3.21
C GLY D 186 54.80 -12.77 4.66
N LYS D 187 53.57 -13.24 4.88
CA LYS D 187 53.04 -13.30 6.25
C LYS D 187 52.28 -14.58 6.55
N PRO D 188 52.54 -15.18 7.74
CA PRO D 188 51.77 -16.36 8.17
C PRO D 188 50.28 -16.09 8.16
N LEU D 189 49.48 -17.13 8.01
CA LEU D 189 48.03 -16.98 8.09
C LEU D 189 47.50 -17.62 9.36
N PHE D 190 46.68 -16.90 10.10
CA PHE D 190 46.00 -17.49 11.28
C PHE D 190 44.48 -17.38 11.17
N PHE D 191 43.79 -18.50 11.44
CA PHE D 191 42.34 -18.52 11.54
C PHE D 191 42.00 -18.59 13.03
N ILE D 192 41.11 -17.70 13.50
CA ILE D 192 40.76 -17.69 14.92
C ILE D 192 39.32 -18.14 15.10
N TYR D 193 39.16 -19.36 15.58
CA TYR D 193 37.83 -19.93 15.74
C TYR D 193 37.05 -19.37 16.92
N ASP D 194 35.76 -19.06 16.70
CA ASP D 194 34.88 -18.42 17.69
C ASP D 194 35.50 -17.19 18.29
N SER D 195 36.11 -16.39 17.41
CA SER D 195 36.91 -15.25 17.82
C SER D 195 36.07 -14.22 18.54
N TYR D 196 34.75 -14.32 18.38
CA TYR D 196 33.81 -13.32 18.88
C TYR D 196 33.60 -13.45 20.37
N LEU D 197 34.11 -14.54 20.94
CA LEU D 197 34.16 -14.72 22.37
C LEU D 197 34.97 -13.59 23.04
N ILE D 198 35.76 -12.88 22.22
CA ILE D 198 36.59 -11.78 22.70
C ILE D 198 36.03 -10.45 22.17
N LYS D 199 36.11 -9.40 22.98
CA LYS D 199 35.52 -8.10 22.62
C LYS D 199 36.33 -7.44 21.51
N PRO D 200 35.65 -6.96 20.44
CA PRO D 200 36.39 -6.40 19.29
C PRO D 200 37.42 -5.34 19.68
N ALA D 201 37.20 -4.56 20.73
CA ALA D 201 38.22 -3.52 21.07
C ALA D 201 39.43 -4.06 21.82
N GLU D 202 39.31 -5.27 22.36
CA GLU D 202 40.42 -5.92 23.07
C GLU D 202 41.37 -6.61 22.10
N TRP D 203 40.83 -7.15 21.00
CA TRP D 203 41.67 -7.71 19.93
C TRP D 203 42.62 -6.64 19.41
N ALA D 204 42.12 -5.41 19.27
CA ALA D 204 42.94 -4.26 18.88
C ALA D 204 44.25 -4.15 19.67
N LYS D 205 44.27 -4.63 20.90
CA LYS D 205 45.48 -4.51 21.72
C LYS D 205 46.58 -5.45 21.21
N LEU D 206 46.16 -6.45 20.44
CA LEU D 206 47.01 -7.34 19.69
C LEU D 206 47.24 -6.88 18.23
N PHE D 207 46.16 -6.51 17.55
CA PHE D 207 46.19 -6.33 16.09
C PHE D 207 46.25 -4.87 15.60
N ALA D 208 46.06 -3.92 16.51
CA ALA D 208 46.27 -2.53 16.15
C ALA D 208 47.76 -2.24 16.31
N ALA D 209 48.27 -1.34 15.45
CA ALA D 209 49.67 -0.92 15.46
C ALA D 209 49.96 -0.08 16.70
N GLY D 210 48.98 0.71 17.13
CA GLY D 210 49.06 1.39 18.42
C GLY D 210 48.94 0.46 19.61
N GLY D 211 48.72 -0.84 19.37
CA GLY D 211 48.30 -1.80 20.39
C GLY D 211 49.35 -2.17 21.41
N GLU D 212 48.93 -2.23 22.68
CA GLU D 212 49.85 -2.34 23.79
C GLU D 212 50.62 -3.65 23.82
N ILE D 213 50.03 -4.68 23.24
CA ILE D 213 50.74 -5.92 23.02
C ILE D 213 50.79 -6.24 21.52
N SER D 214 51.01 -5.20 20.72
CA SER D 214 51.02 -5.30 19.26
C SER D 214 51.96 -6.37 18.73
N VAL D 215 51.47 -7.17 17.79
CA VAL D 215 52.31 -8.08 17.02
C VAL D 215 52.65 -7.47 15.69
N ARG D 216 51.92 -6.41 15.31
CA ARG D 216 52.10 -5.73 14.03
C ARG D 216 53.47 -5.12 13.89
N ASN D 217 54.08 -5.33 12.72
CA ASN D 217 55.45 -4.87 12.42
C ASN D 217 56.51 -5.47 13.35
N THR D 218 56.18 -6.58 13.99
CA THR D 218 57.19 -7.40 14.67
C THR D 218 57.27 -8.72 13.92
N LYS D 219 58.14 -9.62 14.37
CA LYS D 219 58.30 -10.93 13.71
C LYS D 219 57.09 -11.88 13.91
N TYR D 220 56.14 -11.47 14.74
CA TYR D 220 54.95 -12.26 15.01
C TYR D 220 53.72 -11.68 14.33
N ASP D 221 53.93 -10.70 13.44
CA ASP D 221 52.86 -10.14 12.64
C ASP D 221 52.47 -11.18 11.61
N GLY D 222 51.24 -11.09 11.14
CA GLY D 222 50.70 -12.05 10.20
C GLY D 222 49.38 -11.53 9.70
N LEU D 223 48.66 -12.37 8.96
CA LEU D 223 47.26 -12.10 8.65
C LEU D 223 46.38 -12.84 9.66
N PHE D 224 45.45 -12.12 10.28
CA PHE D 224 44.67 -12.68 11.37
C PHE D 224 43.22 -12.66 11.00
N ILE D 225 42.65 -13.85 10.86
CA ILE D 225 41.34 -14.01 10.24
C ILE D 225 40.30 -14.60 11.24
N GLY D 226 39.33 -13.77 11.64
CA GLY D 226 38.36 -14.16 12.66
C GLY D 226 37.07 -14.67 12.06
N LEU D 227 36.29 -15.36 12.89
CA LEU D 227 35.03 -15.91 12.46
C LEU D 227 33.95 -14.85 12.50
N THR D 228 33.37 -14.55 11.33
CA THR D 228 32.14 -13.74 11.27
C THR D 228 30.91 -14.61 11.06
N LEU D 229 29.93 -14.44 11.95
CA LEU D 229 28.64 -15.14 11.92
C LEU D 229 27.64 -14.47 10.99
N LYS D 230 27.71 -13.15 10.87
CA LYS D 230 26.83 -12.38 9.99
C LYS D 230 27.47 -11.09 9.44
N GLU D 231 26.80 -10.50 8.45
CA GLU D 231 27.39 -9.49 7.58
C GLU D 231 27.38 -8.09 8.21
N SER D 232 26.29 -7.75 8.88
CA SER D 232 26.20 -6.52 9.67
C SER D 232 27.25 -6.50 10.77
N GLU D 233 27.92 -7.62 10.98
CA GLU D 233 28.88 -7.73 12.10
C GLU D 233 30.29 -7.70 11.58
N LEU D 234 30.41 -7.32 10.32
CA LEU D 234 31.70 -7.14 9.68
C LEU D 234 32.50 -5.97 10.25
N PRO D 235 31.84 -4.86 10.66
CA PRO D 235 32.58 -3.75 11.26
C PRO D 235 33.36 -4.12 12.51
N ASP D 236 32.91 -5.13 13.24
CA ASP D 236 33.65 -5.70 14.37
C ASP D 236 35.06 -6.07 13.89
N ILE D 237 35.14 -6.57 12.65
CA ILE D 237 36.40 -7.00 12.05
C ILE D 237 37.37 -5.83 11.96
N GLU D 238 36.81 -4.64 11.72
CA GLU D 238 37.58 -3.40 11.75
C GLU D 238 37.95 -2.98 13.18
N THR D 239 36.94 -2.80 14.04
CA THR D 239 37.17 -2.47 15.45
C THR D 239 38.37 -3.30 15.97
N ALA D 240 38.28 -4.61 15.79
CA ALA D 240 39.33 -5.54 16.25
C ALA D 240 40.65 -5.44 15.48
N CYS D 241 40.62 -4.74 14.34
CA CYS D 241 41.79 -4.53 13.46
C CYS D 241 42.37 -5.85 12.92
N MET D 242 41.51 -6.82 12.62
CA MET D 242 41.96 -8.06 12.00
C MET D 242 42.24 -7.81 10.51
N ASP D 243 42.64 -8.85 9.79
CA ASP D 243 43.04 -8.73 8.39
C ASP D 243 41.98 -9.33 7.48
N GLY D 244 41.03 -10.04 8.08
CA GLY D 244 40.00 -10.72 7.30
C GLY D 244 39.03 -11.54 8.11
N PHE D 245 38.14 -12.22 7.41
CA PHE D 245 37.05 -12.92 8.03
C PHE D 245 36.72 -14.20 7.29
N TYR D 246 36.49 -15.28 8.04
CA TYR D 246 36.12 -16.55 7.46
C TYR D 246 34.77 -16.99 8.01
N THR D 247 34.13 -17.98 7.37
CA THR D 247 32.74 -18.34 7.66
C THR D 247 32.56 -19.71 8.29
N TYR D 248 33.66 -20.43 8.42
CA TYR D 248 33.71 -21.83 8.86
C TYR D 248 32.64 -22.83 8.42
N PHE D 249 31.38 -22.55 8.73
CA PHE D 249 30.38 -23.62 8.75
C PHE D 249 30.05 -24.16 7.39
N ALA D 250 30.18 -25.48 7.30
CA ALA D 250 29.99 -26.23 6.06
C ALA D 250 28.52 -26.25 5.66
N ALA D 251 27.65 -26.14 6.66
CA ALA D 251 26.19 -26.22 6.48
C ALA D 251 25.59 -24.88 6.03
N THR D 252 25.08 -24.82 4.79
CA THR D 252 24.55 -23.59 4.16
C THR D 252 23.47 -22.83 4.96
N GLY D 253 23.70 -21.55 5.18
CA GLY D 253 22.73 -20.71 5.88
C GLY D 253 22.48 -21.09 7.33
N PHE D 254 23.44 -21.78 7.96
CA PHE D 254 23.40 -22.04 9.39
C PHE D 254 23.58 -20.69 10.11
N THR D 255 24.49 -19.88 9.57
CA THR D 255 24.61 -18.48 9.95
C THR D 255 24.29 -17.63 8.75
N ASN D 256 24.12 -16.32 8.96
CA ASN D 256 24.06 -15.37 7.85
C ASN D 256 25.32 -15.39 7.01
N ALA D 257 26.48 -15.51 7.64
CA ALA D 257 27.74 -15.48 6.88
C ALA D 257 27.98 -16.76 6.08
N SER D 258 27.37 -17.87 6.49
CA SER D 258 27.55 -19.11 5.74
C SER D 258 26.36 -19.44 4.84
N THR D 259 25.65 -18.40 4.40
CA THR D 259 24.52 -18.47 3.45
C THR D 259 25.08 -17.94 2.12
N PRO D 260 25.39 -18.84 1.16
CA PRO D 260 26.18 -18.43 -0.02
C PRO D 260 25.60 -17.31 -0.90
N ALA D 261 24.37 -16.87 -0.66
CA ALA D 261 23.83 -15.74 -1.45
C ALA D 261 24.47 -14.40 -1.04
N ASN D 262 24.99 -14.36 0.18
CA ASN D 262 25.62 -13.15 0.72
C ASN D 262 27.08 -13.00 0.32
N TRP D 263 27.60 -14.06 -0.29
CA TRP D 263 29.02 -14.14 -0.61
C TRP D 263 29.55 -13.09 -1.59
N LYS D 264 28.76 -12.72 -2.60
CA LYS D 264 29.14 -11.62 -3.49
C LYS D 264 29.19 -10.27 -2.78
N SER D 265 28.25 -10.04 -1.86
CA SER D 265 28.24 -8.80 -1.09
C SER D 265 29.35 -8.74 -0.05
N MET D 266 29.62 -9.87 0.60
CA MET D 266 30.58 -9.93 1.69
C MET D 266 31.98 -9.66 1.16
N GLN D 267 32.18 -10.00 -0.11
CA GLN D 267 33.42 -9.70 -0.84
C GLN D 267 33.49 -8.21 -1.20
N GLN D 268 32.40 -7.67 -1.75
CA GLN D 268 32.20 -6.21 -1.92
C GLN D 268 32.63 -5.49 -0.63
N TRP D 269 32.10 -5.94 0.51
CA TRP D 269 32.51 -5.36 1.77
C TRP D 269 34.00 -5.56 2.03
N ALA D 270 34.51 -6.78 1.76
CA ALA D 270 35.93 -7.07 2.00
C ALA D 270 36.85 -6.17 1.19
N LYS D 271 36.50 -5.92 -0.07
CA LYS D 271 37.25 -5.03 -0.94
C LYS D 271 37.10 -3.53 -0.54
N ALA D 272 35.88 -3.11 -0.22
CA ALA D 272 35.59 -1.76 0.27
C ALA D 272 36.43 -1.39 1.50
N HIS D 273 36.58 -2.37 2.40
CA HIS D 273 37.23 -2.17 3.68
C HIS D 273 38.59 -2.87 3.78
N ASN D 274 39.15 -3.25 2.64
CA ASN D 274 40.48 -3.88 2.55
C ASN D 274 40.76 -5.00 3.57
N LYS D 275 39.88 -6.01 3.58
CA LYS D 275 40.06 -7.21 4.39
C LYS D 275 40.08 -8.44 3.47
N LEU D 276 40.39 -9.61 4.01
CA LEU D 276 40.37 -10.82 3.17
C LEU D 276 39.19 -11.71 3.49
N PHE D 277 38.18 -11.69 2.61
CA PHE D 277 37.04 -12.59 2.71
C PHE D 277 37.47 -13.99 2.32
N ILE D 278 37.51 -14.88 3.29
CA ILE D 278 37.83 -16.29 3.06
C ILE D 278 36.62 -17.18 3.36
N PRO D 279 35.79 -17.45 2.34
CA PRO D 279 34.64 -18.31 2.53
C PRO D 279 35.07 -19.70 2.93
N SER D 280 34.17 -20.41 3.59
CA SER D 280 34.39 -21.78 3.88
C SER D 280 33.32 -22.59 3.14
N VAL D 281 33.78 -23.61 2.41
CA VAL D 281 32.91 -24.51 1.65
C VAL D 281 33.02 -25.92 2.20
N GLY D 282 31.98 -26.73 1.98
CA GLY D 282 31.97 -28.13 2.39
C GLY D 282 31.07 -29.00 1.55
N PRO D 283 31.36 -30.33 1.56
CA PRO D 283 30.61 -31.31 0.78
C PRO D 283 29.28 -31.66 1.42
N GLY D 284 29.09 -31.22 2.67
CA GLY D 284 27.79 -31.33 3.34
C GLY D 284 27.93 -31.35 4.84
N TYR D 285 26.85 -31.75 5.53
CA TYR D 285 26.89 -31.85 6.97
C TYR D 285 25.96 -32.92 7.52
N ILE D 286 26.48 -33.64 8.52
CA ILE D 286 25.75 -34.63 9.32
C ILE D 286 26.61 -34.92 10.57
N ASP D 287 26.05 -34.72 11.78
CA ASP D 287 26.73 -35.05 13.06
C ASP D 287 25.85 -35.80 14.10
N THR D 288 24.86 -36.54 13.61
CA THR D 288 23.79 -37.13 14.42
C THR D 288 24.15 -38.35 15.25
N ARG D 289 25.29 -38.97 14.95
CA ARG D 289 25.83 -40.06 15.76
C ARG D 289 26.23 -39.52 17.12
N ILE D 290 26.84 -38.33 17.12
CA ILE D 290 27.18 -37.62 18.36
C ILE D 290 26.13 -36.60 18.78
N ARG D 291 25.31 -36.12 17.83
CA ARG D 291 24.26 -35.13 18.13
C ARG D 291 22.87 -35.52 17.60
N PRO D 292 22.20 -36.49 18.24
CA PRO D 292 20.88 -36.92 17.76
C PRO D 292 19.95 -35.75 17.42
N TRP D 293 19.96 -34.73 18.27
CA TRP D 293 19.09 -33.56 18.11
C TRP D 293 19.47 -32.60 16.97
N ASN D 294 20.64 -32.78 16.35
CA ASN D 294 21.15 -31.75 15.45
C ASN D 294 20.85 -32.00 13.97
N GLY D 295 19.69 -32.61 13.71
CA GLY D 295 19.23 -32.89 12.34
C GLY D 295 18.99 -31.65 11.48
N SER D 296 18.56 -30.56 12.09
CA SER D 296 18.35 -29.30 11.33
C SER D 296 19.67 -28.71 10.80
N THR D 297 20.82 -29.25 11.22
CA THR D 297 22.10 -28.82 10.66
C THR D 297 22.57 -29.74 9.51
N THR D 298 21.92 -30.89 9.39
CA THR D 298 22.19 -31.86 8.33
C THR D 298 21.94 -31.35 6.89
N ARG D 299 22.95 -31.43 6.03
CA ARG D 299 22.84 -31.17 4.59
C ARG D 299 23.27 -32.40 3.81
N ASP D 300 22.39 -32.95 2.97
CA ASP D 300 22.74 -34.17 2.21
C ASP D 300 23.75 -33.79 1.13
N ARG D 301 24.61 -34.74 0.75
CA ARG D 301 25.68 -34.47 -0.21
C ARG D 301 25.14 -34.42 -1.64
N GLU D 302 23.99 -35.09 -1.83
CA GLU D 302 23.29 -35.17 -3.11
C GLU D 302 24.21 -35.56 -4.25
N ASN D 303 24.99 -36.60 -4.02
CA ASN D 303 25.94 -37.13 -5.03
C ASN D 303 26.84 -36.05 -5.59
N GLY D 304 27.31 -35.18 -4.70
CA GLY D 304 28.25 -34.14 -5.10
C GLY D 304 27.61 -32.83 -5.49
N LYS D 305 26.29 -32.78 -5.58
CA LYS D 305 25.61 -31.53 -5.96
C LYS D 305 25.85 -30.42 -4.92
N TYR D 306 25.76 -30.77 -3.65
CA TYR D 306 25.98 -29.81 -2.58
C TYR D 306 27.37 -29.15 -2.66
N TYR D 307 28.41 -29.97 -2.80
CA TYR D 307 29.77 -29.45 -2.89
C TYR D 307 29.94 -28.50 -4.11
N ASP D 308 29.41 -28.94 -5.25
CA ASP D 308 29.51 -28.22 -6.53
C ASP D 308 28.98 -26.79 -6.46
N ASP D 309 27.86 -26.62 -5.77
CA ASP D 309 27.18 -25.33 -5.73
C ASP D 309 27.86 -24.36 -4.81
N MET D 310 28.18 -24.83 -3.61
CA MET D 310 28.82 -24.02 -2.61
C MET D 310 30.16 -23.51 -3.07
N TYR D 311 30.97 -24.42 -3.63
CA TYR D 311 32.27 -24.06 -4.18
C TYR D 311 32.12 -23.00 -5.28
N LYS D 312 31.26 -23.27 -6.26
N LYS D 312 31.26 -23.29 -6.25
CA LYS D 312 30.98 -22.34 -7.35
CA LYS D 312 30.94 -22.36 -7.34
C LYS D 312 30.57 -20.96 -6.79
C LYS D 312 30.58 -20.99 -6.79
N ALA D 313 29.86 -20.97 -5.66
CA ALA D 313 29.54 -19.70 -4.95
C ALA D 313 30.81 -19.05 -4.39
N ALA D 314 31.63 -19.82 -3.68
CA ALA D 314 32.90 -19.30 -3.17
C ALA D 314 33.74 -18.68 -4.29
N ILE D 315 33.82 -19.35 -5.43
CA ILE D 315 34.55 -18.78 -6.55
C ILE D 315 33.89 -17.52 -7.14
N GLU D 316 32.64 -17.65 -7.59
CA GLU D 316 31.94 -16.53 -8.22
C GLU D 316 31.85 -15.32 -7.28
N SER D 317 32.18 -15.51 -6.00
CA SER D 317 32.13 -14.44 -5.02
C SER D 317 33.21 -13.39 -5.32
N GLY D 318 34.38 -13.85 -5.76
CA GLY D 318 35.50 -12.97 -6.12
C GLY D 318 36.57 -13.06 -5.06
N ALA D 319 36.36 -13.96 -4.11
CA ALA D 319 37.30 -14.16 -3.02
C ALA D 319 38.63 -14.62 -3.57
N SER D 320 39.71 -14.12 -2.99
CA SER D 320 41.06 -14.50 -3.40
C SER D 320 41.62 -15.76 -2.70
N TYR D 321 41.04 -16.10 -1.54
CA TYR D 321 41.36 -17.34 -0.81
C TYR D 321 40.09 -18.15 -0.52
N ILE D 322 40.21 -19.47 -0.53
CA ILE D 322 39.10 -20.37 -0.19
C ILE D 322 39.53 -21.40 0.85
N SER D 323 38.66 -21.62 1.84
CA SER D 323 38.87 -22.62 2.87
C SER D 323 37.82 -23.70 2.74
N ILE D 324 38.24 -24.95 3.01
CA ILE D 324 37.38 -26.12 2.88
C ILE D 324 37.12 -26.72 4.24
N THR D 325 35.85 -26.82 4.59
CA THR D 325 35.42 -27.44 5.85
C THR D 325 34.79 -28.78 5.49
N SER D 326 35.51 -29.89 5.59
CA SER D 326 36.89 -29.95 6.07
C SER D 326 37.65 -31.02 5.30
N PHE D 327 38.95 -31.17 5.58
CA PHE D 327 39.61 -32.41 5.19
C PHE D 327 39.07 -33.56 6.04
N ASN D 328 39.17 -33.44 7.36
CA ASN D 328 38.82 -34.57 8.25
C ASN D 328 38.16 -34.22 9.58
N GLU D 329 37.02 -33.55 9.51
CA GLU D 329 36.16 -33.41 10.68
C GLU D 329 35.08 -34.49 10.52
N TRP D 330 35.43 -35.68 10.99
CA TRP D 330 34.58 -36.85 10.82
C TRP D 330 33.36 -36.79 11.72
N HIS D 331 33.53 -36.22 12.92
CA HIS D 331 32.43 -36.00 13.86
C HIS D 331 31.30 -35.12 13.30
N GLU D 332 31.61 -34.24 12.37
CA GLU D 332 30.61 -33.27 11.86
C GLU D 332 30.13 -33.55 10.42
N GLY D 333 30.58 -34.68 9.87
CA GLY D 333 30.20 -35.13 8.52
C GLY D 333 30.62 -34.22 7.37
N THR D 334 31.71 -33.47 7.58
CA THR D 334 32.11 -32.44 6.58
C THR D 334 33.34 -32.82 5.77
N GLN D 335 33.97 -33.93 6.14
CA GLN D 335 35.22 -34.36 5.53
C GLN D 335 35.09 -34.61 4.03
N ILE D 336 36.23 -34.40 3.35
CA ILE D 336 36.45 -34.79 1.95
C ILE D 336 37.48 -35.93 1.92
N GLU D 337 38.05 -36.26 3.08
CA GLU D 337 38.90 -37.44 3.14
C GLU D 337 38.04 -38.65 2.73
N PRO D 338 38.60 -39.61 1.96
CA PRO D 338 37.80 -40.76 1.53
C PRO D 338 37.26 -41.64 2.65
N ALA D 339 35.99 -42.03 2.48
CA ALA D 339 35.25 -42.90 3.35
C ALA D 339 35.04 -44.20 2.60
N VAL D 340 34.55 -45.24 3.27
CA VAL D 340 34.18 -46.52 2.62
C VAL D 340 32.85 -46.98 3.18
N SER D 341 32.10 -47.79 2.42
CA SER D 341 30.81 -48.29 2.89
C SER D 341 31.00 -49.25 4.06
N LYS D 342 30.15 -49.14 5.08
CA LYS D 342 30.37 -49.88 6.33
C LYS D 342 29.08 -50.21 7.06
N LYS D 343 29.05 -51.40 7.66
CA LYS D 343 27.90 -51.86 8.45
C LYS D 343 28.16 -51.95 9.96
N CYS D 344 28.81 -53.03 10.41
CA CYS D 344 28.94 -53.39 11.84
C CYS D 344 27.60 -53.48 12.62
N ASP D 345 27.63 -54.10 13.80
CA ASP D 345 26.41 -54.40 14.57
C ASP D 345 25.67 -53.17 15.08
N ALA D 346 26.41 -52.10 15.41
CA ALA D 346 25.79 -50.87 15.95
C ALA D 346 24.80 -50.23 14.97
N PHE D 347 25.32 -49.63 13.90
CA PHE D 347 24.48 -49.06 12.84
C PHE D 347 25.22 -49.00 11.49
N GLU D 348 24.45 -48.91 10.41
CA GLU D 348 24.99 -48.78 9.07
C GLU D 348 25.48 -47.34 8.85
N TYR D 349 26.76 -47.18 8.55
CA TYR D 349 27.34 -45.86 8.29
C TYR D 349 26.96 -45.34 6.92
N LEU D 350 26.83 -44.00 6.82
CA LEU D 350 26.79 -43.31 5.54
C LEU D 350 28.04 -43.54 4.69
N ASP D 351 27.90 -43.34 3.38
CA ASP D 351 29.01 -43.46 2.45
C ASP D 351 28.75 -42.69 1.15
N TYR D 352 29.78 -42.59 0.32
CA TYR D 352 29.71 -41.78 -0.89
C TYR D 352 28.87 -42.40 -2.02
N LYS D 353 28.69 -43.73 -2.01
CA LYS D 353 27.95 -44.42 -3.08
C LYS D 353 26.78 -43.60 -3.62
N PRO D 354 26.64 -43.50 -4.96
CA PRO D 354 27.41 -44.14 -6.03
C PRO D 354 28.78 -43.53 -6.41
N LEU D 355 29.26 -42.51 -5.70
CA LEU D 355 30.56 -41.90 -6.07
C LEU D 355 31.75 -42.65 -5.53
N ALA D 356 32.84 -42.63 -6.31
CA ALA D 356 34.10 -43.24 -5.92
C ALA D 356 34.58 -42.79 -4.52
N ASP D 357 35.18 -43.73 -3.80
CA ASP D 357 35.71 -43.48 -2.45
C ASP D 357 36.50 -42.17 -2.33
N ASP D 358 37.23 -41.79 -3.37
CA ASP D 358 38.00 -40.56 -3.39
C ASP D 358 37.30 -39.40 -4.15
N TYR D 359 35.97 -39.46 -4.26
CA TYR D 359 35.22 -38.50 -5.09
C TYR D 359 35.57 -37.06 -4.77
N TYR D 360 35.31 -36.67 -3.51
CA TYR D 360 35.40 -35.28 -3.07
C TYR D 360 36.81 -34.76 -3.05
N LEU D 361 37.77 -35.65 -3.29
CA LEU D 361 39.16 -35.25 -3.42
C LEU D 361 39.44 -34.83 -4.86
N ILE D 362 38.96 -35.65 -5.81
CA ILE D 362 39.13 -35.41 -7.23
C ILE D 362 38.31 -34.17 -7.64
N ARG D 363 37.18 -33.97 -6.99
CA ARG D 363 36.31 -32.84 -7.33
C ARG D 363 36.93 -31.56 -6.79
N THR D 364 37.58 -31.66 -5.64
CA THR D 364 38.37 -30.57 -5.09
C THR D 364 39.43 -30.10 -6.10
N ALA D 365 40.13 -31.02 -6.75
CA ALA D 365 41.14 -30.65 -7.75
C ALA D 365 40.50 -29.88 -8.92
N TYR D 366 39.29 -30.24 -9.29
CA TYR D 366 38.58 -29.58 -10.34
C TYR D 366 38.10 -28.19 -9.93
N TRP D 367 37.77 -28.00 -8.66
CA TRP D 367 37.29 -26.69 -8.22
C TRP D 367 38.45 -25.73 -7.91
N VAL D 368 39.60 -26.30 -7.59
CA VAL D 368 40.82 -25.54 -7.39
C VAL D 368 41.27 -25.00 -8.73
N ASP D 369 41.07 -25.81 -9.77
CA ASP D 369 41.46 -25.47 -11.13
C ASP D 369 40.60 -24.32 -11.64
N GLU D 370 39.29 -24.49 -11.58
CA GLU D 370 38.38 -23.39 -11.90
C GLU D 370 38.81 -22.13 -11.16
N PHE D 371 38.89 -22.23 -9.84
CA PHE D 371 39.26 -21.11 -8.99
C PHE D 371 40.61 -20.49 -9.36
N ARG D 372 41.58 -21.32 -9.74
CA ARG D 372 42.88 -20.79 -10.19
C ARG D 372 42.77 -19.98 -11.48
N LYS D 373 41.89 -20.43 -12.38
CA LYS D 373 41.75 -19.79 -13.69
C LYS D 373 40.96 -18.49 -13.50
N ALA D 374 39.90 -18.55 -12.69
CA ALA D 374 39.17 -17.36 -12.25
C ALA D 374 40.13 -16.31 -11.72
N ARG D 375 41.03 -16.71 -10.82
CA ARG D 375 42.08 -15.82 -10.33
C ARG D 375 42.99 -15.28 -11.43
N SER D 376 43.64 -16.17 -12.18
CA SER D 376 44.43 -15.77 -13.37
C SER D 376 43.71 -14.74 -14.25
N ALA D 377 42.47 -15.02 -14.65
CA ALA D 377 41.65 -14.02 -15.35
C ALA D 377 40.97 -13.02 -14.41
#